data_3K6A
#
_entry.id   3K6A
#
_cell.length_a   66.132
_cell.length_b   66.310
_cell.length_c   74.332
_cell.angle_alpha   92.15
_cell.angle_beta   103.64
_cell.angle_gamma   119.98
#
_symmetry.space_group_name_H-M   'P 1'
#
loop_
_entity.id
_entity.type
_entity.pdbx_description
1 polymer 'Molybdenum cofactor biosynthesis protein Mog'
2 non-polymer 'SODIUM ION'
3 water water
#
_entity_poly.entity_id   1
_entity_poly.type   'polypeptide(L)'
_entity_poly.pdbx_seq_one_letter_code
;SNA(MSE)SKAKIGIVTVSDRASAGIYEDISGKAIIDTLNDYLTSEWEPIYQVIPDEQDVIETTLIK(MSE)ADEQDCCL
IVTTGGTGPAKRDVTPEATEAVCDR(MSE)(MSE)PGFGEL(MSE)RAESLKFVPTAILSRQTAGLRGDSLIVNLPGKPK
SIRECLDAVFPAIPYCIDL(MSE)EGPYLECNEAVIKPFRPKAK
;
_entity_poly.pdbx_strand_id   A,B,C,D,E,F
#
loop_
_chem_comp.id
_chem_comp.type
_chem_comp.name
_chem_comp.formula
NA non-polymer 'SODIUM ION' 'Na 1'
#
# COMPACT_ATOMS: atom_id res chain seq x y z
N ALA A 3 36.99 8.12 19.57
CA ALA A 3 35.71 8.89 19.79
C ALA A 3 35.98 10.31 20.31
N MSE A 4 36.97 10.41 21.21
CA MSE A 4 37.39 11.69 21.78
C MSE A 4 38.29 12.45 20.80
O MSE A 4 38.46 13.67 20.91
CB MSE A 4 38.12 11.44 23.12
N SER A 5 38.85 11.70 19.84
CA SER A 5 39.84 12.20 18.88
C SER A 5 39.30 13.27 17.93
N LYS A 6 40.18 14.16 17.48
CA LYS A 6 39.76 15.28 16.63
C LYS A 6 39.38 14.78 15.23
N ALA A 7 38.22 15.20 14.75
CA ALA A 7 37.72 14.72 13.45
C ALA A 7 38.46 15.36 12.28
N LYS A 8 38.79 14.53 11.30
CA LYS A 8 39.34 15.00 10.04
C LYS A 8 38.37 14.55 8.97
N ILE A 9 37.98 15.48 8.11
CA ILE A 9 37.04 15.22 7.03
C ILE A 9 37.71 15.58 5.69
N GLY A 10 37.81 14.62 4.78
CA GLY A 10 38.41 14.86 3.46
C GLY A 10 37.42 15.50 2.50
N ILE A 11 37.91 16.44 1.69
CA ILE A 11 37.13 17.10 0.67
C ILE A 11 37.97 17.02 -0.60
N VAL A 12 37.44 16.31 -1.59
CA VAL A 12 38.15 16.09 -2.85
C VAL A 12 37.34 16.71 -4.02
N THR A 13 37.92 17.70 -4.67
CA THR A 13 37.27 18.25 -5.87
C THR A 13 37.97 17.64 -7.06
N VAL A 14 37.21 16.97 -7.92
CA VAL A 14 37.73 16.32 -9.11
C VAL A 14 37.34 17.16 -10.32
N SER A 15 38.32 17.73 -11.00
CA SER A 15 38.03 18.68 -12.04
C SER A 15 39.02 18.62 -13.20
N ASP A 16 38.49 18.68 -14.42
CA ASP A 16 39.33 18.80 -15.63
C ASP A 16 40.07 20.15 -15.71
N ARG A 17 39.88 21.01 -14.72
CA ARG A 17 40.58 22.31 -14.65
C ARG A 17 41.47 22.39 -13.41
N ALA A 18 41.64 21.25 -12.74
CA ALA A 18 42.39 21.20 -11.48
C ALA A 18 43.83 21.66 -11.63
N SER A 19 44.41 21.42 -12.81
CA SER A 19 45.80 21.80 -13.07
C SER A 19 46.01 23.31 -13.04
N ALA A 20 44.94 24.08 -13.25
CA ALA A 20 45.02 25.55 -13.24
C ALA A 20 44.82 26.14 -11.84
N GLY A 21 45.86 26.81 -11.33
CA GLY A 21 45.78 27.49 -10.03
C GLY A 21 44.69 28.55 -9.96
N ILE A 22 44.34 29.11 -11.12
CA ILE A 22 43.29 30.13 -11.25
C ILE A 22 41.86 29.57 -11.36
N TYR A 23 41.72 28.24 -11.32
CA TYR A 23 40.39 27.63 -11.26
C TYR A 23 39.75 27.96 -9.92
N GLU A 24 38.56 28.55 -9.96
CA GLU A 24 37.82 28.89 -8.72
C GLU A 24 36.92 27.73 -8.31
N ASP A 25 37.27 27.06 -7.22
CA ASP A 25 36.55 25.84 -6.77
C ASP A 25 35.31 26.18 -5.95
N ILE A 26 34.23 26.55 -6.63
CA ILE A 26 32.99 26.92 -5.93
C ILE A 26 32.35 25.70 -5.22
N SER A 27 32.52 24.51 -5.79
CA SER A 27 31.97 23.27 -5.20
C SER A 27 32.62 22.89 -3.89
N GLY A 28 33.96 22.79 -3.89
CA GLY A 28 34.71 22.49 -2.67
C GLY A 28 34.39 23.51 -1.59
N LYS A 29 34.35 24.79 -1.97
CA LYS A 29 33.92 25.86 -1.08
C LYS A 29 32.54 25.61 -0.47
N ALA A 30 31.57 25.24 -1.31
CA ALA A 30 30.23 24.93 -0.82
C ALA A 30 30.25 23.80 0.21
N ILE A 31 31.06 22.77 -0.04
CA ILE A 31 31.20 21.66 0.92
C ILE A 31 31.77 22.16 2.26
N ILE A 32 32.86 22.91 2.19
CA ILE A 32 33.51 23.43 3.40
C ILE A 32 32.55 24.32 4.19
N ASP A 33 31.89 25.25 3.49
CA ASP A 33 30.93 26.12 4.12
C ASP A 33 29.79 25.35 4.77
N THR A 34 29.27 24.34 4.06
CA THR A 34 28.20 23.51 4.61
C THR A 34 28.62 22.77 5.90
N LEU A 35 29.79 22.14 5.87
CA LEU A 35 30.27 21.40 7.03
C LEU A 35 30.54 22.33 8.22
N ASN A 36 30.97 23.56 7.94
CA ASN A 36 31.09 24.57 9.00
C ASN A 36 29.74 24.97 9.60
N ASP A 37 28.72 25.08 8.75
CA ASP A 37 27.35 25.36 9.21
C ASP A 37 26.81 24.21 10.06
N TYR A 38 27.15 22.97 9.67
CA TYR A 38 26.68 21.75 10.32
C TYR A 38 27.35 21.47 11.68
N LEU A 39 28.67 21.62 11.76
CA LEU A 39 29.43 21.09 12.88
C LEU A 39 29.76 22.10 13.98
N THR A 40 29.52 21.70 15.23
CA THR A 40 29.98 22.50 16.36
C THR A 40 31.18 21.87 17.05
N SER A 41 31.43 20.58 16.80
CA SER A 41 32.61 19.92 17.37
C SER A 41 33.85 20.30 16.56
N GLU A 42 35.05 20.09 17.11
CA GLU A 42 36.27 20.46 16.40
C GLU A 42 36.50 19.50 15.24
N TRP A 43 36.81 20.07 14.09
CA TRP A 43 37.17 19.25 12.94
C TRP A 43 38.15 20.02 12.07
N GLU A 44 38.86 19.27 11.23
CA GLU A 44 39.83 19.85 10.34
C GLU A 44 39.52 19.35 8.93
N PRO A 45 39.37 20.27 7.96
CA PRO A 45 39.24 19.78 6.58
C PRO A 45 40.59 19.38 5.97
N ILE A 46 40.63 18.26 5.27
CA ILE A 46 41.79 17.88 4.46
C ILE A 46 41.29 18.01 3.02
N TYR A 47 41.86 18.96 2.27
CA TYR A 47 41.28 19.40 1.02
C TYR A 47 42.26 19.26 -0.14
N GLN A 48 41.78 18.68 -1.25
CA GLN A 48 42.58 18.50 -2.46
C GLN A 48 41.73 18.74 -3.70
N VAL A 49 42.29 19.48 -4.65
CA VAL A 49 41.70 19.65 -5.99
C VAL A 49 42.55 18.83 -6.93
N ILE A 50 41.93 17.88 -7.62
CA ILE A 50 42.71 16.93 -8.41
C ILE A 50 42.08 16.75 -9.81
N PRO A 51 42.90 16.36 -10.80
CA PRO A 51 42.34 16.15 -12.16
C PRO A 51 41.51 14.90 -12.23
N ASP A 52 40.69 14.79 -13.29
CA ASP A 52 39.85 13.62 -13.49
C ASP A 52 40.65 12.44 -14.07
N GLU A 53 41.62 11.96 -13.28
CA GLU A 53 42.44 10.80 -13.64
C GLU A 53 42.17 9.78 -12.57
N GLN A 54 41.59 8.64 -12.95
CA GLN A 54 41.10 7.68 -11.95
C GLN A 54 42.19 7.26 -10.95
N ASP A 55 43.40 7.02 -11.45
CA ASP A 55 44.52 6.60 -10.57
C ASP A 55 44.79 7.66 -9.49
N VAL A 56 44.79 8.92 -9.86
CA VAL A 56 44.98 10.03 -8.89
C VAL A 56 43.84 10.11 -7.86
N ILE A 57 42.59 9.96 -8.32
CA ILE A 57 41.45 9.99 -7.39
C ILE A 57 41.58 8.82 -6.38
N GLU A 58 41.92 7.64 -6.89
CA GLU A 58 42.15 6.49 -6.00
C GLU A 58 43.22 6.80 -4.98
N THR A 59 44.37 7.32 -5.43
CA THR A 59 45.48 7.68 -4.52
C THR A 59 45.04 8.65 -3.45
N THR A 60 44.31 9.68 -3.86
CA THR A 60 43.86 10.73 -2.93
C THR A 60 42.98 10.17 -1.83
N LEU A 61 41.99 9.37 -2.24
CA LEU A 61 41.08 8.72 -1.30
C LEU A 61 41.81 7.81 -0.31
N ILE A 62 42.79 7.04 -0.80
CA ILE A 62 43.51 6.09 0.02
C ILE A 62 44.38 6.81 1.05
N LYS A 63 45.07 7.87 0.61
CA LYS A 63 45.83 8.71 1.53
C LYS A 63 44.95 9.26 2.65
N MSE A 64 43.84 9.90 2.26
CA MSE A 64 42.93 10.51 3.23
C MSE A 64 42.39 9.49 4.22
O MSE A 64 42.35 9.76 5.42
CB MSE A 64 41.79 11.22 2.51
CG MSE A 64 42.28 12.41 1.69
SE MSE A 64 40.77 13.28 0.90
CE MSE A 64 41.62 14.98 0.41
N ALA A 65 41.99 8.32 3.72
CA ALA A 65 41.42 7.27 4.58
C ALA A 65 42.46 6.56 5.43
N ASP A 66 43.57 6.19 4.82
CA ASP A 66 44.55 5.31 5.47
C ASP A 66 45.67 6.02 6.19
N GLU A 67 46.00 7.24 5.76
CA GLU A 67 47.16 7.92 6.35
C GLU A 67 46.75 9.14 7.16
N GLN A 68 45.68 9.79 6.72
CA GLN A 68 45.28 11.05 7.33
C GLN A 68 44.07 10.91 8.26
N ASP A 69 43.63 9.67 8.47
CA ASP A 69 42.58 9.37 9.46
C ASP A 69 41.27 10.14 9.20
N CYS A 70 40.87 10.27 7.94
CA CYS A 70 39.60 10.91 7.65
C CYS A 70 38.44 9.96 7.91
N CYS A 71 37.57 10.34 8.85
CA CYS A 71 36.40 9.50 9.20
C CYS A 71 35.34 9.55 8.10
N LEU A 72 35.30 10.70 7.40
CA LEU A 72 34.42 10.97 6.27
C LEU A 72 35.22 11.64 5.15
N ILE A 73 34.97 11.24 3.92
CA ILE A 73 35.57 11.91 2.78
C ILE A 73 34.42 12.14 1.80
N VAL A 74 34.26 13.38 1.37
CA VAL A 74 33.28 13.70 0.35
C VAL A 74 33.98 14.18 -0.92
N THR A 75 33.43 13.78 -2.07
CA THR A 75 33.98 14.17 -3.37
C THR A 75 32.98 15.04 -4.09
N THR A 76 33.45 15.90 -5.00
CA THR A 76 32.54 16.59 -5.90
C THR A 76 33.14 16.58 -7.29
N GLY A 77 32.31 16.24 -8.28
CA GLY A 77 32.73 16.20 -9.67
C GLY A 77 32.89 14.79 -10.24
N GLY A 78 32.72 14.67 -11.55
CA GLY A 78 33.09 13.46 -12.27
C GLY A 78 32.17 12.27 -12.04
N THR A 79 30.87 12.52 -11.91
CA THR A 79 29.90 11.45 -11.55
C THR A 79 28.74 11.24 -12.57
N GLY A 80 28.82 11.89 -13.72
CA GLY A 80 27.85 11.68 -14.81
C GLY A 80 28.25 10.59 -15.79
N PRO A 81 27.48 10.44 -16.89
CA PRO A 81 27.74 9.39 -17.87
C PRO A 81 28.89 9.64 -18.83
N ALA A 82 29.41 10.87 -18.92
CA ALA A 82 30.53 11.14 -19.85
C ALA A 82 31.71 10.21 -19.54
N LYS A 83 32.42 9.77 -20.58
CA LYS A 83 33.59 8.88 -20.45
C LYS A 83 34.61 9.38 -19.41
N ARG A 84 34.86 10.69 -19.39
CA ARG A 84 35.85 11.29 -18.49
C ARG A 84 35.43 11.28 -17.01
N ASP A 85 34.15 11.03 -16.73
CA ASP A 85 33.65 11.02 -15.34
C ASP A 85 33.92 9.67 -14.68
N VAL A 86 35.01 9.60 -13.91
CA VAL A 86 35.51 8.35 -13.36
C VAL A 86 35.55 8.33 -11.82
N THR A 87 34.89 9.30 -11.19
CA THR A 87 34.88 9.37 -9.74
C THR A 87 34.22 8.14 -9.09
N PRO A 88 33.07 7.68 -9.60
CA PRO A 88 32.51 6.47 -8.97
C PRO A 88 33.38 5.21 -9.10
N GLU A 89 34.05 5.04 -10.24
CA GLU A 89 34.95 3.89 -10.43
C GLU A 89 36.09 3.93 -9.43
N ALA A 90 36.67 5.12 -9.21
CA ALA A 90 37.71 5.29 -8.21
C ALA A 90 37.20 4.94 -6.81
N THR A 91 35.97 5.37 -6.53
CA THR A 91 35.35 5.17 -5.22
C THR A 91 35.11 3.67 -5.02
N GLU A 92 34.53 3.04 -6.03
CA GLU A 92 34.36 1.59 -5.99
C GLU A 92 35.67 0.85 -5.82
N ALA A 93 36.72 1.31 -6.51
CA ALA A 93 38.03 0.65 -6.42
C ALA A 93 38.59 0.67 -5.00
N VAL A 94 38.49 1.81 -4.31
CA VAL A 94 39.12 1.93 -3.00
C VAL A 94 38.27 1.42 -1.83
N CYS A 95 36.95 1.37 -1.99
CA CYS A 95 36.09 0.89 -0.91
C CYS A 95 36.02 -0.63 -0.87
N ASP A 96 35.98 -1.20 0.33
CA ASP A 96 35.82 -2.65 0.45
C ASP A 96 34.36 -3.10 0.54
N ARG A 97 33.45 -2.18 0.86
CA ARG A 97 32.03 -2.50 0.72
C ARG A 97 31.22 -1.25 0.48
N MSE A 98 30.15 -1.41 -0.27
CA MSE A 98 29.39 -0.27 -0.70
C MSE A 98 28.18 -0.02 0.20
O MSE A 98 27.74 -0.91 0.94
CB MSE A 98 29.00 -0.41 -2.17
CG MSE A 98 30.17 -0.77 -3.07
SE MSE A 98 31.64 0.52 -2.96
CE MSE A 98 30.71 2.05 -3.76
N MSE A 99 27.68 1.22 0.15
CA MSE A 99 26.58 1.69 0.97
C MSE A 99 25.52 2.18 -0.03
O MSE A 99 25.44 3.38 -0.31
CB MSE A 99 27.08 2.86 1.82
CG MSE A 99 28.21 2.49 2.78
SE MSE A 99 27.44 1.47 4.26
CE MSE A 99 26.84 2.92 5.33
N PRO A 100 24.74 1.25 -0.61
CA PRO A 100 23.79 1.58 -1.70
C PRO A 100 22.70 2.58 -1.30
N GLY A 101 22.39 2.67 0.00
CA GLY A 101 21.34 3.57 0.49
C GLY A 101 21.63 5.04 0.17
N PHE A 102 22.91 5.41 0.14
CA PHE A 102 23.30 6.79 -0.15
C PHE A 102 22.96 7.21 -1.58
N GLY A 103 23.39 6.42 -2.55
CA GLY A 103 23.10 6.68 -3.96
C GLY A 103 21.61 6.75 -4.23
N GLU A 104 20.86 5.82 -3.65
CA GLU A 104 19.40 5.83 -3.79
C GLU A 104 18.83 7.16 -3.33
N LEU A 105 19.17 7.56 -2.09
CA LEU A 105 18.59 8.78 -1.52
C LEU A 105 19.00 10.04 -2.28
N MSE A 106 20.27 10.12 -2.65
CA MSE A 106 20.74 11.30 -3.36
C MSE A 106 20.04 11.46 -4.72
O MSE A 106 19.63 12.57 -5.08
CB MSE A 106 22.26 11.29 -3.49
CG MSE A 106 22.94 11.38 -2.13
SE MSE A 106 24.88 11.50 -2.23
CE MSE A 106 25.40 9.79 -2.98
N ARG A 107 19.88 10.36 -5.45
CA ARG A 107 19.17 10.40 -6.75
C ARG A 107 17.70 10.73 -6.56
N ALA A 108 17.09 10.19 -5.50
CA ALA A 108 15.71 10.54 -5.14
C ALA A 108 15.51 12.01 -4.82
N GLU A 109 16.42 12.59 -4.02
N GLU A 109 16.40 12.61 -4.02
CA GLU A 109 16.39 14.02 -3.69
CA GLU A 109 16.32 14.03 -3.72
C GLU A 109 16.58 14.90 -4.93
C GLU A 109 16.49 14.86 -5.00
N SER A 110 17.42 14.44 -5.86
CA SER A 110 17.65 15.13 -7.14
C SER A 110 16.53 14.99 -8.18
N LEU A 111 15.91 13.82 -8.25
CA LEU A 111 14.83 13.55 -9.20
C LEU A 111 13.59 14.38 -8.88
N LYS A 112 13.56 14.96 -7.69
CA LYS A 112 12.50 15.93 -7.32
C LYS A 112 12.51 17.12 -8.29
N PHE A 113 13.69 17.41 -8.85
CA PHE A 113 13.91 18.58 -9.71
C PHE A 113 14.20 18.36 -11.20
N VAL A 114 14.96 17.32 -11.52
CA VAL A 114 15.39 17.07 -12.90
C VAL A 114 15.28 15.58 -13.21
N PRO A 115 14.73 15.23 -14.38
CA PRO A 115 14.62 13.81 -14.68
C PRO A 115 15.98 13.17 -15.07
N THR A 116 16.99 14.01 -15.30
CA THR A 116 18.35 13.53 -15.53
C THR A 116 19.04 13.10 -14.24
N ALA A 117 18.33 13.20 -13.12
CA ALA A 117 18.84 12.65 -11.85
C ALA A 117 19.27 11.18 -12.02
N ILE A 118 18.56 10.43 -12.86
CA ILE A 118 18.86 9.00 -13.04
C ILE A 118 20.18 8.78 -13.80
N LEU A 119 20.74 9.84 -14.37
CA LEU A 119 22.05 9.73 -15.01
C LEU A 119 23.22 9.76 -14.01
N SER A 120 22.96 10.17 -12.77
CA SER A 120 24.02 10.26 -11.77
C SER A 120 24.50 8.88 -11.34
N ARG A 121 25.82 8.73 -11.30
CA ARG A 121 26.47 7.50 -10.88
C ARG A 121 27.13 7.67 -9.52
N GLN A 122 26.77 8.77 -8.83
CA GLN A 122 27.26 9.05 -7.48
C GLN A 122 27.03 7.84 -6.60
N THR A 123 28.05 7.47 -5.83
CA THR A 123 27.91 6.35 -4.92
C THR A 123 28.53 6.67 -3.55
N ALA A 124 28.62 5.65 -2.71
CA ALA A 124 29.19 5.80 -1.36
C ALA A 124 29.62 4.44 -0.88
N GLY A 125 30.69 4.40 -0.09
CA GLY A 125 31.22 3.13 0.39
C GLY A 125 32.07 3.35 1.60
N LEU A 126 32.59 2.26 2.12
CA LEU A 126 33.50 2.29 3.24
C LEU A 126 34.84 1.76 2.78
N ARG A 127 35.90 2.45 3.14
CA ARG A 127 37.23 1.85 3.13
C ARG A 127 37.70 1.80 4.56
N GLY A 128 37.76 0.58 5.13
CA GLY A 128 38.05 0.43 6.55
C GLY A 128 36.97 1.15 7.35
N ASP A 129 37.39 2.02 8.25
CA ASP A 129 36.48 2.80 9.06
C ASP A 129 36.22 4.21 8.51
N SER A 130 36.51 4.44 7.22
CA SER A 130 36.25 5.72 6.56
C SER A 130 35.06 5.65 5.63
N LEU A 131 34.09 6.57 5.80
CA LEU A 131 32.97 6.67 4.87
C LEU A 131 33.31 7.64 3.73
N ILE A 132 33.08 7.19 2.50
CA ILE A 132 33.32 7.97 1.29
C ILE A 132 32.02 8.18 0.52
N VAL A 133 31.65 9.44 0.29
CA VAL A 133 30.35 9.75 -0.35
C VAL A 133 30.60 10.69 -1.52
N ASN A 134 30.08 10.35 -2.70
CA ASN A 134 30.17 11.21 -3.88
C ASN A 134 29.04 12.22 -3.88
N LEU A 135 29.40 13.49 -3.95
CA LEU A 135 28.41 14.57 -3.97
C LEU A 135 28.29 15.11 -5.39
N PRO A 136 27.25 15.92 -5.65
CA PRO A 136 27.16 16.49 -6.99
C PRO A 136 28.11 17.71 -7.18
N GLY A 137 27.86 18.53 -8.21
CA GLY A 137 28.76 19.66 -8.55
C GLY A 137 28.28 21.03 -8.08
N LYS A 138 27.03 21.37 -8.33
CA LYS A 138 26.52 22.71 -8.04
C LYS A 138 26.39 22.95 -6.55
N PRO A 139 26.80 24.13 -6.06
CA PRO A 139 26.63 24.45 -4.65
C PRO A 139 25.22 24.20 -4.13
N LYS A 140 24.20 24.61 -4.89
CA LYS A 140 22.81 24.34 -4.50
C LYS A 140 22.53 22.85 -4.36
N SER A 141 22.89 22.06 -5.38
CA SER A 141 22.78 20.59 -5.31
C SER A 141 23.66 19.98 -4.20
N ILE A 142 24.88 20.50 -4.03
CA ILE A 142 25.72 20.04 -2.91
C ILE A 142 25.04 20.21 -1.55
N ARG A 143 24.50 21.40 -1.31
CA ARG A 143 23.80 21.62 -0.05
C ARG A 143 22.58 20.73 0.12
N GLU A 144 21.80 20.57 -0.95
CA GLU A 144 20.55 19.80 -0.89
C GLU A 144 20.86 18.34 -0.59
N CYS A 145 21.95 17.88 -1.20
CA CYS A 145 22.40 16.52 -1.04
C CYS A 145 22.84 16.24 0.40
N LEU A 146 23.73 17.08 0.89
CA LEU A 146 24.22 16.98 2.24
C LEU A 146 23.09 17.06 3.25
N ASP A 147 22.14 17.97 3.04
CA ASP A 147 20.98 18.07 3.93
C ASP A 147 20.25 16.73 4.03
N ALA A 148 20.20 15.99 2.93
CA ALA A 148 19.49 14.73 2.91
C ALA A 148 20.24 13.60 3.59
N VAL A 149 21.55 13.48 3.31
CA VAL A 149 22.28 12.31 3.77
C VAL A 149 23.05 12.54 5.07
N PHE A 150 23.43 13.78 5.35
CA PHE A 150 24.27 14.02 6.51
C PHE A 150 23.62 13.64 7.86
N PRO A 151 22.28 13.73 7.99
CA PRO A 151 21.72 13.27 9.29
C PRO A 151 22.07 11.82 9.70
N ALA A 152 22.37 10.94 8.75
CA ALA A 152 22.78 9.56 9.04
C ALA A 152 24.28 9.41 9.28
N ILE A 153 25.06 10.44 8.96
CA ILE A 153 26.52 10.26 8.96
C ILE A 153 27.18 10.19 10.35
N PRO A 154 26.82 11.11 11.29
CA PRO A 154 27.48 10.95 12.57
C PRO A 154 27.30 9.57 13.19
N TYR A 155 26.11 9.00 13.09
CA TYR A 155 25.88 7.66 13.65
C TYR A 155 26.69 6.60 12.92
N CYS A 156 26.89 6.77 11.62
CA CYS A 156 27.69 5.82 10.86
C CYS A 156 29.12 5.81 11.43
N ILE A 157 29.64 7.00 11.68
CA ILE A 157 30.99 7.15 12.21
C ILE A 157 31.08 6.57 13.63
N ASP A 158 30.07 6.83 14.48
CA ASP A 158 29.99 6.18 15.80
C ASP A 158 30.13 4.65 15.67
N LEU A 159 29.41 4.04 14.72
CA LEU A 159 29.44 2.60 14.53
C LEU A 159 30.78 2.06 14.04
N MSE A 160 31.57 2.90 13.37
CA MSE A 160 32.91 2.52 12.91
C MSE A 160 33.98 2.93 13.93
O MSE A 160 35.17 2.91 13.64
CB MSE A 160 33.19 3.10 11.51
CG MSE A 160 32.33 2.42 10.43
SE MSE A 160 32.52 3.31 8.70
CE MSE A 160 32.37 5.23 9.21
N GLU A 161 33.52 3.30 15.12
CA GLU A 161 34.36 3.68 16.26
C GLU A 161 35.19 4.92 15.98
N GLY A 162 34.64 5.80 15.17
CA GLY A 162 35.30 7.07 14.84
C GLY A 162 34.99 8.15 15.86
N PRO A 163 35.35 9.39 15.54
CA PRO A 163 35.08 10.51 16.45
C PRO A 163 33.60 10.79 16.58
N TYR A 164 33.21 11.36 17.71
CA TYR A 164 31.84 11.71 17.95
C TYR A 164 31.59 13.10 17.38
N LEU A 165 30.91 13.18 16.24
CA LEU A 165 30.61 14.47 15.60
C LEU A 165 29.42 15.13 16.29
N GLU A 166 29.52 16.44 16.55
CA GLU A 166 28.45 17.20 17.18
C GLU A 166 28.00 18.32 16.23
N CYS A 167 26.69 18.48 16.12
CA CYS A 167 26.12 19.39 15.15
C CYS A 167 25.39 20.57 15.73
N ASN A 168 25.35 21.65 14.96
CA ASN A 168 24.47 22.77 15.21
C ASN A 168 23.05 22.36 14.85
N GLU A 169 22.29 21.93 15.86
CA GLU A 169 20.93 21.47 15.66
C GLU A 169 19.91 22.53 15.18
N ALA A 170 20.29 23.80 15.18
CA ALA A 170 19.49 24.81 14.50
C ALA A 170 19.54 24.65 12.97
N VAL A 171 20.53 23.91 12.49
CA VAL A 171 20.79 23.77 11.05
C VAL A 171 20.65 22.33 10.56
N ILE A 172 21.07 21.37 11.38
CA ILE A 172 20.96 19.96 11.01
C ILE A 172 20.88 19.08 12.27
N LYS A 173 20.03 18.05 12.23
CA LYS A 173 19.87 17.19 13.41
C LYS A 173 20.25 15.74 13.11
N PRO A 174 21.45 15.34 13.55
CA PRO A 174 21.88 13.95 13.32
C PRO A 174 20.94 13.03 14.07
N PHE A 175 20.71 11.86 13.51
CA PHE A 175 19.91 10.86 14.17
C PHE A 175 20.78 9.78 14.78
N ARG A 176 20.58 9.56 16.08
CA ARG A 176 21.31 8.53 16.80
C ARG A 176 20.37 7.62 17.60
N PRO A 177 20.20 6.36 17.15
CA PRO A 177 19.39 5.36 17.85
C PRO A 177 20.16 4.51 18.86
N LYS A 178 19.43 3.74 19.65
CA LYS A 178 19.98 2.86 20.69
C LYS A 178 20.72 1.64 20.12
N LYS B 6 -2.26 15.14 29.50
CA LYS B 6 -2.38 16.09 28.35
C LYS B 6 -2.57 15.35 27.03
N ALA B 7 -3.64 15.69 26.34
CA ALA B 7 -3.99 15.07 25.08
C ALA B 7 -3.08 15.57 23.97
N LYS B 8 -2.73 14.68 23.05
CA LYS B 8 -2.16 15.09 21.78
C LYS B 8 -3.14 14.68 20.69
N ILE B 9 -3.40 15.61 19.78
CA ILE B 9 -4.37 15.40 18.70
C ILE B 9 -3.65 15.68 17.39
N GLY B 10 -3.64 14.68 16.52
CA GLY B 10 -3.01 14.80 15.22
C GLY B 10 -3.93 15.45 14.22
N ILE B 11 -3.36 16.33 13.38
CA ILE B 11 -4.11 17.03 12.32
C ILE B 11 -3.27 16.89 11.06
N VAL B 12 -3.84 16.22 10.06
CA VAL B 12 -3.13 15.89 8.83
C VAL B 12 -3.88 16.51 7.67
N THR B 13 -3.25 17.47 7.01
CA THR B 13 -3.81 18.00 5.78
C THR B 13 -3.13 17.24 4.65
N VAL B 14 -3.95 16.52 3.87
CA VAL B 14 -3.45 15.76 2.75
C VAL B 14 -3.82 16.57 1.53
N SER B 15 -2.80 17.02 0.79
CA SER B 15 -3.03 17.85 -0.38
C SER B 15 -1.77 18.01 -1.21
N ASP B 16 -1.83 17.54 -2.45
CA ASP B 16 -0.80 17.79 -3.45
C ASP B 16 -0.52 19.29 -3.57
N ARG B 17 -1.58 20.09 -3.72
CA ARG B 17 -1.46 21.54 -3.85
C ARG B 17 -0.69 22.14 -2.67
N ALA B 18 -1.20 21.86 -1.48
CA ALA B 18 -0.73 22.49 -0.25
C ALA B 18 0.68 22.05 0.14
N SER B 19 1.04 20.84 -0.27
CA SER B 19 2.39 20.33 -0.01
C SER B 19 3.43 21.06 -0.82
N ALA B 20 3.08 21.39 -2.07
CA ALA B 20 4.01 22.03 -3.01
C ALA B 20 4.20 23.53 -2.72
N GLY B 21 3.09 24.26 -2.71
CA GLY B 21 3.11 25.70 -2.43
C GLY B 21 1.72 26.29 -2.26
N ILE B 22 1.35 26.54 -1.01
CA ILE B 22 0.08 27.18 -0.70
C ILE B 22 0.24 28.39 0.23
N TYR B 23 -0.56 29.43 0.00
CA TYR B 23 -0.52 30.62 0.84
C TYR B 23 -0.95 30.31 2.28
N GLU B 24 -2.05 29.56 2.42
CA GLU B 24 -2.52 29.14 3.73
C GLU B 24 -3.28 27.83 3.61
N ASP B 25 -3.25 27.06 4.69
CA ASP B 25 -4.01 25.84 4.77
C ASP B 25 -5.33 26.08 5.51
N ILE B 26 -6.39 26.46 4.79
CA ILE B 26 -7.67 26.76 5.43
C ILE B 26 -8.35 25.52 6.03
N SER B 27 -8.03 24.35 5.50
CA SER B 27 -8.60 23.10 5.98
C SER B 27 -8.03 22.74 7.34
N GLY B 28 -6.70 22.63 7.40
CA GLY B 28 -6.00 22.45 8.65
C GLY B 28 -6.43 23.49 9.67
N LYS B 29 -6.49 24.76 9.26
CA LYS B 29 -6.92 25.85 10.15
C LYS B 29 -8.33 25.64 10.71
N ALA B 30 -9.26 25.22 9.87
CA ALA B 30 -10.64 24.98 10.31
C ALA B 30 -10.69 23.88 11.40
N ILE B 31 -9.90 22.82 11.21
CA ILE B 31 -9.78 21.77 12.22
C ILE B 31 -9.25 22.30 13.55
N ILE B 32 -8.14 23.06 13.48
CA ILE B 32 -7.48 23.55 14.70
C ILE B 32 -8.40 24.50 15.43
N ASP B 33 -9.00 25.40 14.68
CA ASP B 33 -9.93 26.38 15.21
C ASP B 33 -11.11 25.70 15.89
N THR B 34 -11.64 24.66 15.24
CA THR B 34 -12.81 23.95 15.76
C THR B 34 -12.48 23.27 17.08
N LEU B 35 -11.35 22.53 17.13
CA LEU B 35 -10.92 21.86 18.35
C LEU B 35 -10.62 22.84 19.49
N ASN B 36 -10.10 24.01 19.13
CA ASN B 36 -9.90 25.09 20.12
C ASN B 36 -11.22 25.62 20.68
N ASP B 37 -12.24 25.76 19.82
CA ASP B 37 -13.60 26.10 20.28
C ASP B 37 -14.13 25.02 21.23
N TYR B 38 -13.92 23.74 20.86
CA TYR B 38 -14.52 22.60 21.58
C TYR B 38 -13.93 22.37 22.96
N LEU B 39 -12.61 22.44 23.04
CA LEU B 39 -11.89 21.93 24.20
C LEU B 39 -11.51 22.98 25.24
N THR B 40 -11.70 22.61 26.50
CA THR B 40 -11.25 23.46 27.61
C THR B 40 -10.10 22.80 28.35
N SER B 41 -10.00 21.48 28.26
CA SER B 41 -8.83 20.77 28.78
C SER B 41 -7.61 21.08 27.91
N GLU B 42 -6.41 20.95 28.46
CA GLU B 42 -5.18 21.24 27.73
C GLU B 42 -4.93 20.19 26.67
N TRP B 43 -4.56 20.63 25.47
CA TRP B 43 -4.22 19.70 24.40
C TRP B 43 -3.17 20.28 23.46
N GLU B 44 -2.46 19.39 22.79
CA GLU B 44 -1.37 19.75 21.88
C GLU B 44 -1.74 19.32 20.47
N PRO B 45 -1.81 20.27 19.51
CA PRO B 45 -1.92 19.80 18.13
C PRO B 45 -0.57 19.28 17.59
N ILE B 46 -0.58 18.12 16.94
CA ILE B 46 0.56 17.67 16.16
C ILE B 46 0.11 17.73 14.71
N TYR B 47 0.74 18.64 13.96
CA TYR B 47 0.22 19.07 12.66
C TYR B 47 1.21 18.83 11.51
N GLN B 48 0.72 18.22 10.44
CA GLN B 48 1.52 17.88 9.25
C GLN B 48 0.72 18.15 7.97
N VAL B 49 1.37 18.77 6.99
CA VAL B 49 0.80 18.90 5.65
C VAL B 49 1.59 17.96 4.75
N ILE B 50 0.90 17.07 4.06
CA ILE B 50 1.56 16.07 3.23
C ILE B 50 0.90 15.95 1.86
N PRO B 51 1.64 15.42 0.86
CA PRO B 51 1.03 15.19 -0.46
C PRO B 51 0.05 14.01 -0.48
N ASP B 52 -0.71 13.88 -1.55
CA ASP B 52 -1.60 12.74 -1.71
C ASP B 52 -0.79 11.52 -2.17
N GLU B 53 0.03 10.97 -1.29
CA GLU B 53 0.84 9.79 -1.60
C GLU B 53 0.52 8.80 -0.50
N GLN B 54 -0.07 7.66 -0.85
CA GLN B 54 -0.62 6.75 0.16
C GLN B 54 0.46 6.36 1.18
N ASP B 55 1.64 6.02 0.67
CA ASP B 55 2.78 5.63 1.50
C ASP B 55 3.05 6.69 2.57
N VAL B 56 3.06 7.95 2.18
CA VAL B 56 3.35 9.05 3.10
C VAL B 56 2.20 9.29 4.11
N ILE B 57 0.96 9.14 3.66
CA ILE B 57 -0.16 9.28 4.60
C ILE B 57 -0.03 8.20 5.67
N GLU B 58 0.27 6.97 5.25
CA GLU B 58 0.45 5.86 6.21
C GLU B 58 1.53 6.18 7.24
N THR B 59 2.70 6.61 6.76
CA THR B 59 3.81 6.95 7.64
C THR B 59 3.39 7.98 8.70
N THR B 60 2.68 9.01 8.25
CA THR B 60 2.30 10.13 9.12
C THR B 60 1.35 9.67 10.22
N LEU B 61 0.34 8.88 9.83
CA LEU B 61 -0.64 8.37 10.79
C LEU B 61 0.07 7.46 11.80
N ILE B 62 0.94 6.58 11.29
CA ILE B 62 1.71 5.66 12.13
C ILE B 62 2.58 6.41 13.13
N LYS B 63 3.31 7.42 12.66
CA LYS B 63 4.12 8.27 13.56
C LYS B 63 3.26 8.91 14.65
N MSE B 64 2.20 9.56 14.22
CA MSE B 64 1.29 10.22 15.17
C MSE B 64 0.68 9.25 16.19
O MSE B 64 0.60 9.56 17.39
CB MSE B 64 0.21 10.98 14.42
CG MSE B 64 0.71 12.29 13.83
SE MSE B 64 -0.71 13.04 12.70
CE MSE B 64 0.18 14.68 12.18
N ALA B 65 0.25 8.08 15.74
CA ALA B 65 -0.35 7.09 16.63
C ALA B 65 0.67 6.35 17.49
N ASP B 66 1.73 5.83 16.85
CA ASP B 66 2.68 4.92 17.51
C ASP B 66 3.79 5.61 18.27
N GLU B 67 4.28 6.71 17.71
CA GLU B 67 5.44 7.40 18.27
C GLU B 67 5.01 8.61 19.11
N GLN B 68 3.96 9.28 18.68
CA GLN B 68 3.60 10.56 19.28
C GLN B 68 2.38 10.56 20.19
N ASP B 69 1.79 9.38 20.40
CA ASP B 69 0.74 9.21 21.41
C ASP B 69 -0.55 10.00 21.16
N CYS B 70 -0.88 10.28 19.89
CA CYS B 70 -2.12 11.02 19.61
C CYS B 70 -3.35 10.18 19.94
N CYS B 71 -4.22 10.67 20.82
CA CYS B 71 -5.46 9.96 21.15
C CYS B 71 -6.48 10.05 20.03
N LEU B 72 -6.40 11.14 19.27
CA LEU B 72 -7.30 11.40 18.13
C LEU B 72 -6.44 11.93 17.01
N ILE B 73 -6.67 11.42 15.81
CA ILE B 73 -6.00 11.95 14.65
C ILE B 73 -7.09 12.21 13.63
N VAL B 74 -7.11 13.42 13.06
CA VAL B 74 -8.09 13.76 12.03
C VAL B 74 -7.40 14.22 10.76
N THR B 75 -7.94 13.76 9.64
CA THR B 75 -7.37 14.08 8.35
C THR B 75 -8.37 14.92 7.57
N THR B 76 -7.83 15.73 6.64
CA THR B 76 -8.64 16.46 5.69
C THR B 76 -8.00 16.34 4.31
N GLY B 77 -8.83 16.06 3.30
CA GLY B 77 -8.40 15.90 1.93
C GLY B 77 -8.37 14.46 1.44
N GLY B 78 -8.57 14.30 0.14
CA GLY B 78 -8.25 13.07 -0.60
C GLY B 78 -9.21 11.93 -0.31
N THR B 79 -10.51 12.22 -0.29
CA THR B 79 -11.48 11.19 0.12
C THR B 79 -12.60 10.98 -0.89
N GLY B 80 -12.49 11.61 -2.05
CA GLY B 80 -13.47 11.41 -3.15
C GLY B 80 -13.12 10.28 -4.11
N PRO B 81 -13.84 10.20 -5.25
CA PRO B 81 -13.61 9.11 -6.21
C PRO B 81 -12.43 9.37 -7.15
N ALA B 82 -11.85 10.56 -7.13
CA ALA B 82 -10.71 10.83 -8.02
C ALA B 82 -9.57 9.85 -7.76
N LYS B 83 -8.81 9.56 -8.81
CA LYS B 83 -7.74 8.56 -8.78
C LYS B 83 -6.71 8.81 -7.66
N ARG B 84 -6.40 10.09 -7.41
CA ARG B 84 -5.35 10.49 -6.49
C ARG B 84 -5.82 10.54 -5.03
N ASP B 85 -7.13 10.38 -4.82
CA ASP B 85 -7.71 10.47 -3.48
C ASP B 85 -7.50 9.17 -2.74
N VAL B 86 -6.47 9.12 -1.89
CA VAL B 86 -6.08 7.86 -1.30
C VAL B 86 -6.05 7.88 0.23
N THR B 87 -6.67 8.89 0.83
CA THR B 87 -6.68 8.99 2.27
C THR B 87 -7.40 7.81 2.97
N PRO B 88 -8.61 7.42 2.51
CA PRO B 88 -9.29 6.25 3.14
C PRO B 88 -8.47 4.96 3.08
N GLU B 89 -7.85 4.69 1.94
CA GLU B 89 -7.00 3.49 1.74
C GLU B 89 -5.88 3.47 2.79
N ALA B 90 -5.26 4.62 2.98
CA ALA B 90 -4.17 4.79 3.97
C ALA B 90 -4.65 4.57 5.39
N THR B 91 -5.84 5.10 5.68
CA THR B 91 -6.47 4.94 6.98
C THR B 91 -6.79 3.47 7.22
N GLU B 92 -7.40 2.81 6.24
CA GLU B 92 -7.75 1.38 6.37
C GLU B 92 -6.49 0.55 6.57
N ALA B 93 -5.43 0.94 5.89
CA ALA B 93 -4.14 0.22 5.97
C ALA B 93 -3.48 0.27 7.35
N VAL B 94 -3.52 1.44 8.00
CA VAL B 94 -2.90 1.58 9.32
C VAL B 94 -3.79 1.19 10.51
N CYS B 95 -5.11 1.14 10.31
CA CYS B 95 -5.99 0.81 11.43
C CYS B 95 -6.15 -0.70 11.58
N ASP B 96 -6.21 -1.17 12.82
CA ASP B 96 -6.44 -2.60 13.10
C ASP B 96 -7.93 -2.93 13.25
N ARG B 97 -8.75 -1.90 13.43
CA ARG B 97 -10.21 -2.11 13.36
C ARG B 97 -11.00 -0.85 13.05
N MSE B 98 -12.00 -1.03 12.20
CA MSE B 98 -12.71 0.09 11.59
C MSE B 98 -13.95 0.41 12.44
O MSE B 98 -14.45 -0.45 13.18
CB MSE B 98 -13.09 -0.24 10.14
CG MSE B 98 -11.89 -0.58 9.24
SE MSE B 98 -10.44 0.72 9.39
CE MSE B 98 -11.22 2.27 8.44
N MSE B 99 -14.39 1.66 12.32
CA MSE B 99 -15.55 2.18 13.05
C MSE B 99 -16.56 2.70 12.02
O MSE B 99 -16.58 3.91 11.72
CB MSE B 99 -15.11 3.34 13.96
CG MSE B 99 -13.98 2.98 14.93
SE MSE B 99 -14.77 1.92 16.35
CE MSE B 99 -15.51 3.44 17.27
N PRO B 100 -17.38 1.79 11.46
CA PRO B 100 -18.27 2.13 10.34
C PRO B 100 -19.33 3.18 10.67
N GLY B 101 -19.67 3.32 11.95
CA GLY B 101 -20.69 4.34 12.34
C GLY B 101 -20.29 5.77 11.94
N PHE B 102 -18.98 6.07 11.98
CA PHE B 102 -18.49 7.40 11.61
C PHE B 102 -18.82 7.78 10.15
N GLY B 103 -18.39 6.95 9.21
CA GLY B 103 -18.67 7.21 7.79
C GLY B 103 -20.15 7.33 7.47
N GLU B 104 -20.97 6.50 8.11
CA GLU B 104 -22.41 6.56 7.93
C GLU B 104 -22.98 7.91 8.34
N LEU B 105 -22.68 8.32 9.57
CA LEU B 105 -23.20 9.60 10.05
C LEU B 105 -22.64 10.78 9.26
N MSE B 106 -21.36 10.74 8.92
CA MSE B 106 -20.77 11.87 8.21
C MSE B 106 -21.43 12.06 6.83
O MSE B 106 -21.72 13.20 6.45
CB MSE B 106 -19.24 11.77 8.13
CG MSE B 106 -18.56 11.83 9.51
SE MSE B 106 -16.59 11.86 9.38
CE MSE B 106 -16.25 10.08 8.65
N ARG B 107 -21.66 10.97 6.11
CA ARG B 107 -22.40 11.07 4.84
C ARG B 107 -23.84 11.59 5.04
N ALA B 108 -24.52 11.13 6.08
CA ALA B 108 -25.87 11.61 6.38
C ALA B 108 -25.90 13.11 6.72
N GLU B 109 -24.94 13.58 7.51
CA GLU B 109 -24.85 15.00 7.89
C GLU B 109 -24.53 15.84 6.64
N SER B 110 -23.61 15.33 5.83
CA SER B 110 -23.17 16.01 4.61
C SER B 110 -24.31 16.15 3.62
N LEU B 111 -25.14 15.11 3.54
CA LEU B 111 -26.29 15.06 2.66
C LEU B 111 -27.33 16.16 2.91
N LYS B 112 -27.36 16.70 4.13
CA LYS B 112 -28.25 17.82 4.47
C LYS B 112 -28.04 18.99 3.50
N PHE B 113 -26.80 19.19 3.07
CA PHE B 113 -26.48 20.28 2.15
C PHE B 113 -26.10 19.83 0.74
N VAL B 114 -25.16 18.89 0.64
CA VAL B 114 -24.64 18.46 -0.67
C VAL B 114 -25.17 17.09 -1.17
N PRO B 115 -25.83 17.08 -2.34
CA PRO B 115 -26.44 15.87 -2.89
C PRO B 115 -25.47 14.78 -3.34
N THR B 116 -24.20 15.12 -3.51
CA THR B 116 -23.20 14.15 -3.94
C THR B 116 -22.46 13.54 -2.73
N ALA B 117 -23.10 13.64 -1.56
CA ALA B 117 -22.59 13.10 -0.33
C ALA B 117 -22.25 11.61 -0.45
N ILE B 118 -22.99 10.87 -1.28
CA ILE B 118 -22.69 9.43 -1.49
C ILE B 118 -21.37 9.14 -2.19
N LEU B 119 -20.72 10.18 -2.75
CA LEU B 119 -19.39 10.00 -3.35
C LEU B 119 -18.23 9.97 -2.35
N SER B 120 -18.50 10.32 -1.10
CA SER B 120 -17.41 10.42 -0.11
C SER B 120 -17.03 9.05 0.44
N ARG B 121 -15.73 8.77 0.49
CA ARG B 121 -15.21 7.53 1.06
C ARG B 121 -14.56 7.73 2.41
N GLN B 122 -14.86 8.88 3.05
CA GLN B 122 -14.36 9.18 4.37
C GLN B 122 -14.68 8.03 5.30
N THR B 123 -13.71 7.65 6.12
CA THR B 123 -13.94 6.58 7.09
C THR B 123 -13.29 6.88 8.47
N ALA B 124 -13.25 5.88 9.35
CA ALA B 124 -12.69 6.07 10.67
C ALA B 124 -12.34 4.72 11.23
N GLY B 125 -11.25 4.66 12.00
CA GLY B 125 -10.80 3.41 12.56
C GLY B 125 -9.93 3.63 13.77
N LEU B 126 -9.52 2.53 14.40
CA LEU B 126 -8.58 2.61 15.49
C LEU B 126 -7.25 1.94 15.09
N ARG B 127 -6.15 2.63 15.37
CA ARG B 127 -4.81 2.03 15.38
C ARG B 127 -4.35 1.99 16.83
N GLY B 128 -4.46 0.81 17.45
CA GLY B 128 -4.18 0.65 18.87
C GLY B 128 -5.22 1.41 19.69
N ASP B 129 -4.74 2.38 20.48
CA ASP B 129 -5.64 3.25 21.23
C ASP B 129 -5.93 4.59 20.56
N SER B 130 -5.41 4.80 19.35
CA SER B 130 -5.64 6.06 18.60
C SER B 130 -6.82 5.99 17.67
N LEU B 131 -7.78 6.92 17.83
CA LEU B 131 -8.89 7.04 16.90
C LEU B 131 -8.51 7.93 15.73
N ILE B 132 -8.76 7.48 14.51
CA ILE B 132 -8.42 8.23 13.28
C ILE B 132 -9.71 8.45 12.51
N VAL B 133 -10.01 9.70 12.14
CA VAL B 133 -11.26 10.04 11.47
C VAL B 133 -10.96 10.88 10.24
N ASN B 134 -11.55 10.52 9.10
CA ASN B 134 -11.36 11.31 7.88
C ASN B 134 -12.45 12.40 7.80
N LEU B 135 -12.01 13.64 7.70
CA LEU B 135 -12.93 14.76 7.58
C LEU B 135 -12.96 15.28 6.15
N PRO B 136 -13.95 16.12 5.82
CA PRO B 136 -14.01 16.71 4.49
C PRO B 136 -12.96 17.83 4.31
N GLY B 137 -13.08 18.59 3.23
CA GLY B 137 -12.11 19.64 2.86
C GLY B 137 -12.52 21.06 3.18
N LYS B 138 -13.77 21.42 2.89
CA LYS B 138 -14.21 22.80 3.14
C LYS B 138 -14.34 23.11 4.65
N PRO B 139 -13.86 24.30 5.07
CA PRO B 139 -13.94 24.72 6.47
C PRO B 139 -15.36 24.62 7.05
N LYS B 140 -16.37 25.11 6.31
CA LYS B 140 -17.76 24.97 6.75
C LYS B 140 -18.18 23.52 6.93
N SER B 141 -17.84 22.66 5.97
CA SER B 141 -18.17 21.22 6.05
C SER B 141 -17.40 20.49 7.14
N ILE B 142 -16.15 20.88 7.34
CA ILE B 142 -15.33 20.35 8.44
C ILE B 142 -16.01 20.62 9.78
N ARG B 143 -16.47 21.86 9.97
CA ARG B 143 -17.18 22.22 11.21
C ARG B 143 -18.45 21.39 11.41
N GLU B 144 -19.21 21.20 10.35
CA GLU B 144 -20.49 20.48 10.44
C GLU B 144 -20.27 19.01 10.69
N CYS B 145 -19.25 18.46 10.02
CA CYS B 145 -18.82 17.09 10.24
C CYS B 145 -18.44 16.85 11.70
N LEU B 146 -17.52 17.68 12.21
CA LEU B 146 -17.10 17.58 13.59
C LEU B 146 -18.27 17.80 14.54
N ASP B 147 -19.16 18.75 14.23
CA ASP B 147 -20.32 18.97 15.09
C ASP B 147 -21.14 17.68 15.27
N ALA B 148 -21.23 16.88 14.21
CA ALA B 148 -22.01 15.65 14.25
C ALA B 148 -21.33 14.51 14.96
N VAL B 149 -20.04 14.29 14.71
CA VAL B 149 -19.36 13.10 15.28
C VAL B 149 -18.59 13.37 16.56
N PHE B 150 -18.13 14.60 16.78
CA PHE B 150 -17.32 14.85 17.97
C PHE B 150 -18.01 14.55 19.33
N PRO B 151 -19.35 14.73 19.44
CA PRO B 151 -20.04 14.36 20.70
C PRO B 151 -19.83 12.91 21.15
N ALA B 152 -19.43 12.03 20.22
CA ALA B 152 -19.12 10.63 20.58
C ALA B 152 -17.64 10.40 20.89
N ILE B 153 -16.80 11.40 20.60
CA ILE B 153 -15.34 11.15 20.61
C ILE B 153 -14.70 11.09 22.00
N PRO B 154 -15.00 12.05 22.88
CA PRO B 154 -14.39 11.91 24.20
C PRO B 154 -14.70 10.59 24.88
N TYR B 155 -15.94 10.12 24.81
CA TYR B 155 -16.27 8.81 25.36
C TYR B 155 -15.51 7.64 24.72
N CYS B 156 -15.33 7.70 23.40
CA CYS B 156 -14.52 6.70 22.70
C CYS B 156 -13.08 6.66 23.25
N ILE B 157 -12.50 7.84 23.45
CA ILE B 157 -11.16 7.95 24.02
C ILE B 157 -11.08 7.43 25.45
N ASP B 158 -12.08 7.79 26.27
CA ASP B 158 -12.26 7.21 27.60
C ASP B 158 -12.18 5.68 27.56
N LEU B 159 -12.92 5.06 26.65
CA LEU B 159 -12.98 3.60 26.52
C LEU B 159 -11.65 2.96 26.09
N MSE B 160 -10.82 3.73 25.40
N MSE B 160 -10.83 3.76 25.42
CA MSE B 160 -9.51 3.26 25.01
CA MSE B 160 -9.49 3.36 24.98
C MSE B 160 -8.46 3.69 26.04
C MSE B 160 -8.46 3.62 26.08
O MSE B 160 -7.28 3.72 25.74
O MSE B 160 -7.26 3.45 25.84
CB MSE B 160 -9.15 3.77 23.62
CB MSE B 160 -9.09 4.15 23.75
CG MSE B 160 -10.08 3.25 22.52
CG MSE B 160 -9.94 3.87 22.53
SE MSE B 160 -9.72 4.00 20.75
SE MSE B 160 -10.29 1.98 22.42
CE MSE B 160 -10.12 5.88 21.12
CE MSE B 160 -8.49 1.34 22.80
N GLU B 161 -8.92 4.02 27.25
CA GLU B 161 -8.09 4.46 28.38
C GLU B 161 -7.15 5.64 28.04
N GLY B 162 -7.65 6.55 27.21
CA GLY B 162 -6.89 7.73 26.83
C GLY B 162 -7.20 8.91 27.75
N PRO B 163 -6.69 10.11 27.41
CA PRO B 163 -6.92 11.30 28.24
C PRO B 163 -8.39 11.67 28.32
N TYR B 164 -8.79 12.28 29.43
CA TYR B 164 -10.18 12.68 29.62
C TYR B 164 -10.34 14.07 29.04
N LEU B 165 -10.96 14.16 27.86
CA LEU B 165 -11.12 15.45 27.18
C LEU B 165 -12.31 16.19 27.76
N GLU B 166 -12.12 17.47 28.05
CA GLU B 166 -13.17 18.29 28.64
C GLU B 166 -13.59 19.37 27.66
N CYS B 167 -14.90 19.58 27.52
CA CYS B 167 -15.39 20.49 26.49
C CYS B 167 -16.11 21.73 27.01
N ASN B 168 -16.03 22.81 26.24
CA ASN B 168 -16.86 24.01 26.40
C ASN B 168 -18.29 23.66 25.98
N GLU B 169 -19.14 23.35 26.96
CA GLU B 169 -20.50 22.90 26.65
C GLU B 169 -21.44 24.00 26.14
N ALA B 170 -20.95 25.24 26.06
CA ALA B 170 -21.67 26.30 25.35
C ALA B 170 -21.71 26.02 23.85
N VAL B 171 -20.75 25.23 23.38
CA VAL B 171 -20.47 25.05 21.96
C VAL B 171 -20.66 23.58 21.58
N ILE B 172 -20.21 22.67 22.43
CA ILE B 172 -20.39 21.23 22.17
C ILE B 172 -20.60 20.41 23.44
N LYS B 173 -21.49 19.42 23.35
CA LYS B 173 -21.82 18.57 24.51
C LYS B 173 -21.50 17.10 24.28
N PRO B 174 -20.32 16.66 24.73
CA PRO B 174 -19.98 15.24 24.54
C PRO B 174 -20.87 14.37 25.41
N PHE B 175 -21.18 13.19 24.89
CA PHE B 175 -22.06 12.29 25.59
C PHE B 175 -21.26 11.20 26.27
N ARG B 176 -21.50 11.03 27.57
CA ARG B 176 -20.83 10.00 28.36
C ARG B 176 -21.87 9.19 29.15
N PRO B 177 -22.12 7.92 28.73
CA PRO B 177 -23.09 7.01 29.35
C PRO B 177 -22.77 6.78 30.81
N SER C 5 4.31 -29.63 -3.00
CA SER C 5 5.54 -29.84 -2.19
C SER C 5 5.44 -29.08 -0.87
N LYS C 6 5.94 -29.67 0.21
CA LYS C 6 5.94 -29.00 1.51
C LYS C 6 7.08 -27.97 1.61
N ALA C 7 6.68 -26.73 1.91
CA ALA C 7 7.61 -25.62 1.93
C ALA C 7 8.56 -25.64 3.12
N LYS C 8 9.86 -25.47 2.84
CA LYS C 8 10.85 -25.30 3.90
C LYS C 8 11.37 -23.87 3.82
N ILE C 9 11.43 -23.21 4.97
CA ILE C 9 11.88 -21.82 5.07
C ILE C 9 13.00 -21.73 6.09
N GLY C 10 14.15 -21.25 5.63
CA GLY C 10 15.33 -21.08 6.48
C GLY C 10 15.27 -19.77 7.26
N ILE C 11 15.67 -19.84 8.53
CA ILE C 11 15.72 -18.67 9.39
C ILE C 11 17.09 -18.65 10.06
N VAL C 12 17.86 -17.60 9.79
CA VAL C 12 19.23 -17.51 10.28
C VAL C 12 19.38 -16.26 11.15
N THR C 13 19.65 -16.46 12.45
CA THR C 13 20.00 -15.37 13.33
C THR C 13 21.51 -15.29 13.39
N VAL C 14 22.06 -14.17 12.95
CA VAL C 14 23.51 -13.98 12.91
C VAL C 14 23.87 -13.04 14.03
N SER C 15 24.69 -13.52 14.96
CA SER C 15 25.02 -12.73 16.14
C SER C 15 26.06 -13.41 17.00
N ASP C 16 27.20 -12.74 17.18
CA ASP C 16 28.20 -13.20 18.16
C ASP C 16 27.58 -13.42 19.56
N ARG C 17 26.79 -12.46 20.03
CA ARG C 17 26.19 -12.55 21.39
C ARG C 17 25.23 -13.72 21.50
N ALA C 18 24.34 -13.86 20.51
CA ALA C 18 23.33 -14.90 20.52
C ALA C 18 23.98 -16.28 20.46
N SER C 19 25.03 -16.39 19.63
CA SER C 19 25.81 -17.62 19.50
C SER C 19 26.52 -18.03 20.82
N ALA C 20 26.95 -17.05 21.61
CA ALA C 20 27.54 -17.30 22.94
C ALA C 20 26.49 -17.65 24.01
N GLY C 21 25.21 -17.35 23.73
CA GLY C 21 24.12 -17.61 24.69
C GLY C 21 23.45 -16.33 25.16
N ILE C 22 22.16 -16.19 24.87
CA ILE C 22 21.37 -15.04 25.31
C ILE C 22 20.06 -15.53 25.92
N TYR C 23 19.34 -14.66 26.62
CA TYR C 23 18.08 -15.07 27.26
C TYR C 23 17.04 -15.53 26.23
N GLU C 24 16.85 -14.74 25.18
N GLU C 24 16.88 -14.75 25.16
CA GLU C 24 15.91 -15.07 24.09
CA GLU C 24 15.96 -15.11 24.08
C GLU C 24 16.31 -14.43 22.76
C GLU C 24 16.35 -14.45 22.78
N ASP C 25 16.18 -15.18 21.68
CA ASP C 25 16.38 -14.62 20.33
C ASP C 25 15.09 -13.94 19.85
N ILE C 26 14.89 -12.67 20.22
CA ILE C 26 13.65 -11.97 19.84
C ILE C 26 13.56 -11.66 18.34
N SER C 27 14.70 -11.60 17.64
CA SER C 27 14.65 -11.31 16.17
C SER C 27 14.15 -12.55 15.45
N GLY C 28 14.80 -13.68 15.72
CA GLY C 28 14.33 -14.97 15.20
C GLY C 28 12.87 -15.25 15.52
N LYS C 29 12.46 -14.96 16.75
CA LYS C 29 11.06 -15.13 17.15
C LYS C 29 10.13 -14.25 16.30
N ALA C 30 10.54 -13.01 16.07
CA ALA C 30 9.74 -12.09 15.26
C ALA C 30 9.53 -12.65 13.84
N ILE C 31 10.56 -13.27 13.29
CA ILE C 31 10.46 -13.89 11.96
C ILE C 31 9.45 -15.02 11.99
N ILE C 32 9.66 -15.96 12.90
CA ILE C 32 8.80 -17.13 12.95
C ILE C 32 7.33 -16.74 13.26
N ASP C 33 7.14 -15.76 14.16
CA ASP C 33 5.79 -15.29 14.50
C ASP C 33 5.10 -14.68 13.30
N THR C 34 5.82 -13.85 12.56
CA THR C 34 5.28 -13.22 11.36
C THR C 34 4.92 -14.25 10.31
N LEU C 35 5.85 -15.16 9.98
CA LEU C 35 5.57 -16.22 9.03
C LEU C 35 4.38 -17.11 9.41
N ASN C 36 4.28 -17.48 10.68
CA ASN C 36 3.08 -18.13 11.20
C ASN C 36 1.78 -17.32 10.92
N ASP C 37 1.82 -16.01 11.16
CA ASP C 37 0.64 -15.14 10.91
C ASP C 37 0.26 -15.04 9.42
N TYR C 38 1.29 -15.01 8.56
CA TYR C 38 1.08 -14.95 7.11
C TYR C 38 0.51 -16.23 6.54
N LEU C 39 1.08 -17.37 6.94
CA LEU C 39 0.91 -18.59 6.19
C LEU C 39 -0.22 -19.48 6.69
N THR C 40 -1.02 -19.96 5.74
CA THR C 40 -2.03 -20.97 6.03
C THR C 40 -1.52 -22.35 5.58
N SER C 41 -0.65 -22.38 4.58
CA SER C 41 -0.09 -23.64 4.11
C SER C 41 0.89 -24.15 5.16
N GLU C 42 1.07 -25.47 5.23
CA GLU C 42 2.08 -25.99 6.15
C GLU C 42 3.49 -25.68 5.68
N TRP C 43 4.38 -25.48 6.65
CA TRP C 43 5.75 -25.19 6.35
C TRP C 43 6.66 -25.63 7.49
N GLU C 44 7.92 -25.83 7.15
CA GLU C 44 8.92 -26.30 8.07
C GLU C 44 9.97 -25.22 8.22
N PRO C 45 10.06 -24.59 9.41
CA PRO C 45 11.19 -23.71 9.69
C PRO C 45 12.46 -24.51 9.93
N ILE C 46 13.56 -24.03 9.35
CA ILE C 46 14.88 -24.55 9.61
C ILE C 46 15.70 -23.36 10.13
N TYR C 47 16.03 -23.43 11.40
CA TYR C 47 16.57 -22.30 12.17
C TYR C 47 17.99 -22.56 12.65
N GLN C 48 18.84 -21.55 12.52
CA GLN C 48 20.23 -21.65 12.96
C GLN C 48 20.62 -20.31 13.59
N VAL C 49 21.34 -20.38 14.70
CA VAL C 49 22.00 -19.20 15.28
C VAL C 49 23.48 -19.37 15.01
N ILE C 50 24.09 -18.38 14.39
CA ILE C 50 25.50 -18.48 14.02
C ILE C 50 26.23 -17.19 14.37
N PRO C 51 27.57 -17.26 14.53
CA PRO C 51 28.34 -16.03 14.82
C PRO C 51 28.56 -15.16 13.59
N ASP C 52 29.02 -13.92 13.82
CA ASP C 52 29.34 -12.97 12.77
C ASP C 52 30.66 -13.37 12.05
N GLU C 53 30.63 -14.51 11.35
CA GLU C 53 31.78 -15.01 10.62
C GLU C 53 31.36 -15.35 9.21
N GLN C 54 31.93 -14.64 8.23
CA GLN C 54 31.40 -14.67 6.87
C GLN C 54 31.29 -16.08 6.31
N ASP C 55 32.37 -16.84 6.45
CA ASP C 55 32.44 -18.21 5.95
C ASP C 55 31.37 -19.12 6.55
N VAL C 56 31.05 -18.93 7.83
CA VAL C 56 30.05 -19.74 8.49
C VAL C 56 28.66 -19.36 7.95
N ILE C 57 28.46 -18.06 7.71
CA ILE C 57 27.18 -17.59 7.18
C ILE C 57 26.99 -18.21 5.78
N GLU C 58 28.05 -18.16 4.95
CA GLU C 58 28.04 -18.74 3.61
C GLU C 58 27.65 -20.23 3.63
N THR C 59 28.32 -21.00 4.48
CA THR C 59 28.07 -22.43 4.63
C THR C 59 26.62 -22.72 5.06
N THR C 60 26.14 -21.94 6.03
CA THR C 60 24.77 -22.08 6.51
C THR C 60 23.74 -21.86 5.38
N LEU C 61 23.87 -20.74 4.68
CA LEU C 61 23.01 -20.43 3.54
C LEU C 61 23.06 -21.48 2.42
N ILE C 62 24.27 -21.89 2.04
CA ILE C 62 24.46 -22.92 1.00
C ILE C 62 23.74 -24.22 1.39
N LYS C 63 23.94 -24.68 2.61
CA LYS C 63 23.25 -25.87 3.08
C LYS C 63 21.72 -25.74 2.95
N MSE C 64 21.17 -24.65 3.47
CA MSE C 64 19.72 -24.48 3.46
C MSE C 64 19.13 -24.47 2.06
O MSE C 64 18.08 -25.07 1.83
CB MSE C 64 19.33 -23.21 4.22
CG MSE C 64 19.58 -23.29 5.71
SE MSE C 64 19.19 -21.57 6.56
CE MSE C 64 19.34 -22.21 8.41
N ALA C 65 19.82 -23.80 1.14
CA ALA C 65 19.44 -23.74 -0.28
C ALA C 65 19.62 -25.08 -1.01
N ASP C 66 20.81 -25.67 -0.86
CA ASP C 66 21.25 -26.79 -1.70
C ASP C 66 20.84 -28.15 -1.18
N GLU C 67 20.90 -28.31 0.14
CA GLU C 67 20.66 -29.61 0.76
C GLU C 67 19.25 -29.71 1.29
N GLN C 68 18.73 -28.61 1.83
CA GLN C 68 17.47 -28.69 2.56
C GLN C 68 16.30 -28.12 1.77
N ASP C 69 16.56 -27.70 0.55
CA ASP C 69 15.53 -27.21 -0.37
C ASP C 69 14.67 -26.08 0.24
N CYS C 70 15.29 -25.11 0.92
CA CYS C 70 14.52 -23.95 1.43
C CYS C 70 14.15 -23.03 0.27
N CYS C 71 12.87 -22.87 0.01
CA CYS C 71 12.42 -21.98 -1.08
C CYS C 71 12.69 -20.51 -0.72
N LEU C 72 12.63 -20.21 0.57
CA LEU C 72 12.92 -18.87 1.11
C LEU C 72 13.89 -19.02 2.29
N ILE C 73 14.95 -18.22 2.32
CA ILE C 73 15.81 -18.15 3.50
C ILE C 73 15.86 -16.70 3.94
N VAL C 74 15.58 -16.44 5.22
CA VAL C 74 15.71 -15.09 5.74
C VAL C 74 16.75 -15.02 6.86
N THR C 75 17.51 -13.93 6.88
CA THR C 75 18.54 -13.73 7.88
C THR C 75 18.16 -12.48 8.69
N THR C 76 18.65 -12.42 9.92
CA THR C 76 18.53 -11.22 10.74
C THR C 76 19.86 -10.98 11.43
N GLY C 77 20.33 -9.73 11.40
CA GLY C 77 21.60 -9.35 11.98
C GLY C 77 22.75 -9.15 11.02
N GLY C 78 23.67 -8.28 11.43
CA GLY C 78 24.98 -8.14 10.80
C GLY C 78 24.91 -7.44 9.45
N THR C 79 24.09 -6.38 9.34
CA THR C 79 23.88 -5.73 8.04
C THR C 79 24.18 -4.23 7.99
N GLY C 80 24.80 -3.71 9.04
CA GLY C 80 25.19 -2.28 9.09
C GLY C 80 26.63 -2.01 8.64
N PRO C 81 27.13 -0.80 8.90
CA PRO C 81 28.48 -0.41 8.50
C PRO C 81 29.60 -0.90 9.42
N ALA C 82 29.25 -1.51 10.55
CA ALA C 82 30.28 -1.96 11.50
C ALA C 82 31.18 -3.03 10.87
N LYS C 83 32.44 -3.04 11.31
CA LYS C 83 33.46 -3.96 10.79
C LYS C 83 32.99 -5.42 10.74
N ARG C 84 32.39 -5.89 11.82
CA ARG C 84 31.99 -7.29 11.93
C ARG C 84 30.67 -7.65 11.25
N ASP C 85 29.95 -6.65 10.73
CA ASP C 85 28.71 -6.93 9.98
C ASP C 85 28.96 -7.46 8.56
N VAL C 86 28.89 -8.78 8.39
CA VAL C 86 29.28 -9.40 7.16
C VAL C 86 28.20 -10.28 6.55
N THR C 87 26.96 -10.14 7.02
CA THR C 87 25.86 -10.92 6.45
C THR C 87 25.62 -10.59 4.97
N PRO C 88 25.63 -9.28 4.58
CA PRO C 88 25.43 -9.06 3.12
C PRO C 88 26.54 -9.63 2.24
N GLU C 89 27.80 -9.56 2.68
CA GLU C 89 28.92 -10.11 1.88
C GLU C 89 28.72 -11.60 1.70
N ALA C 90 28.26 -12.26 2.77
CA ALA C 90 28.00 -13.69 2.69
C ALA C 90 26.86 -14.01 1.71
N THR C 91 25.80 -13.20 1.75
CA THR C 91 24.65 -13.40 0.88
C THR C 91 25.06 -13.20 -0.58
N GLU C 92 25.82 -12.14 -0.85
N GLU C 92 25.81 -12.12 -0.82
CA GLU C 92 26.25 -11.87 -2.22
CA GLU C 92 26.33 -11.78 -2.15
C GLU C 92 27.20 -12.98 -2.72
C GLU C 92 27.22 -12.90 -2.70
N ALA C 93 28.05 -13.48 -1.82
CA ALA C 93 28.97 -14.57 -2.19
C ALA C 93 28.27 -15.87 -2.62
N VAL C 94 27.17 -16.25 -1.96
CA VAL C 94 26.45 -17.49 -2.27
C VAL C 94 25.36 -17.35 -3.36
N CYS C 95 24.86 -16.14 -3.60
CA CYS C 95 23.83 -15.97 -4.64
C CYS C 95 24.43 -15.89 -6.04
N ASP C 96 23.71 -16.44 -7.02
CA ASP C 96 24.15 -16.35 -8.42
C ASP C 96 23.59 -15.13 -9.17
N ARG C 97 22.54 -14.51 -8.62
CA ARG C 97 22.08 -13.20 -9.09
C ARG C 97 21.31 -12.47 -8.00
N MSE C 98 21.55 -11.17 -7.91
CA MSE C 98 20.91 -10.36 -6.88
C MSE C 98 19.52 -9.87 -7.28
O MSE C 98 19.17 -9.85 -8.46
CB MSE C 98 21.82 -9.18 -6.48
CG MSE C 98 23.26 -9.63 -6.15
SE MSE C 98 23.31 -11.12 -4.84
CE MSE C 98 22.71 -10.14 -3.24
N MSE C 99 18.74 -9.49 -6.27
CA MSE C 99 17.40 -8.96 -6.45
C MSE C 99 17.38 -7.55 -5.88
O MSE C 99 16.96 -7.34 -4.73
CB MSE C 99 16.41 -9.86 -5.69
CG MSE C 99 16.45 -11.30 -6.15
SE MSE C 99 15.42 -11.42 -7.83
CE MSE C 99 13.65 -11.34 -7.05
N PRO C 100 17.87 -6.57 -6.66
CA PRO C 100 18.06 -5.20 -6.16
C PRO C 100 16.76 -4.54 -5.67
N GLY C 101 15.61 -4.98 -6.18
CA GLY C 101 14.33 -4.40 -5.76
C GLY C 101 14.06 -4.53 -4.27
N PHE C 102 14.60 -5.59 -3.67
CA PHE C 102 14.36 -5.86 -2.26
C PHE C 102 15.11 -4.84 -1.37
N GLY C 103 16.41 -4.70 -1.57
CA GLY C 103 17.20 -3.70 -0.83
C GLY C 103 16.60 -2.30 -0.94
N GLU C 104 16.15 -1.94 -2.15
CA GLU C 104 15.50 -0.63 -2.38
C GLU C 104 14.29 -0.42 -1.47
N LEU C 105 13.36 -1.37 -1.52
CA LEU C 105 12.10 -1.22 -0.81
C LEU C 105 12.33 -1.36 0.71
N MSE C 106 13.20 -2.29 1.12
CA MSE C 106 13.43 -2.43 2.56
C MSE C 106 14.02 -1.13 3.13
O MSE C 106 13.60 -0.69 4.21
CB MSE C 106 14.27 -3.67 2.89
CG MSE C 106 13.58 -4.96 2.46
SE MSE C 106 14.63 -6.51 3.03
CE MSE C 106 16.30 -6.28 1.99
N ARG C 107 14.96 -0.51 2.40
CA ARG C 107 15.49 0.78 2.86
C ARG C 107 14.42 1.86 2.86
N ALA C 108 13.58 1.89 1.82
CA ALA C 108 12.52 2.91 1.73
C ALA C 108 11.58 2.72 2.90
N GLU C 109 11.26 1.47 3.22
CA GLU C 109 10.29 1.21 4.31
C GLU C 109 10.85 1.66 5.64
N SER C 110 12.11 1.33 5.87
CA SER C 110 12.79 1.72 7.11
C SER C 110 12.97 3.23 7.20
N LEU C 111 13.24 3.87 6.06
CA LEU C 111 13.45 5.33 5.99
C LEU C 111 12.21 6.15 6.35
N LYS C 112 11.03 5.54 6.25
CA LYS C 112 9.80 6.17 6.75
C LYS C 112 10.00 6.73 8.17
N PHE C 113 10.73 5.98 8.99
CA PHE C 113 10.83 6.28 10.41
C PHE C 113 12.22 6.62 10.93
N VAL C 114 13.28 6.15 10.26
CA VAL C 114 14.65 6.49 10.68
C VAL C 114 15.60 6.86 9.54
N PRO C 115 16.19 8.05 9.63
CA PRO C 115 17.16 8.62 8.70
C PRO C 115 18.37 7.72 8.47
N THR C 116 18.71 6.92 9.49
CA THR C 116 19.83 6.00 9.42
C THR C 116 19.52 4.70 8.65
N ALA C 117 18.32 4.60 8.09
CA ALA C 117 17.97 3.54 7.15
C ALA C 117 18.98 3.43 6.01
N ILE C 118 19.54 4.55 5.58
CA ILE C 118 20.46 4.53 4.44
C ILE C 118 21.80 3.85 4.77
N LEU C 119 22.04 3.53 6.05
CA LEU C 119 23.29 2.85 6.43
C LEU C 119 23.16 1.34 6.28
N SER C 120 21.94 0.85 6.07
CA SER C 120 21.68 -0.61 5.91
C SER C 120 22.20 -1.18 4.59
N ARG C 121 22.93 -2.29 4.71
N ARG C 121 22.94 -2.28 4.70
CA ARG C 121 23.43 -2.98 3.52
CA ARG C 121 23.42 -2.97 3.50
C ARG C 121 22.63 -4.24 3.23
C ARG C 121 22.63 -4.24 3.23
N GLN C 122 21.46 -4.36 3.87
CA GLN C 122 20.57 -5.52 3.66
C GLN C 122 20.30 -5.68 2.18
N THR C 123 20.37 -6.92 1.71
CA THR C 123 20.14 -7.22 0.31
C THR C 123 19.33 -8.51 0.16
N ALA C 124 19.20 -8.99 -1.07
CA ALA C 124 18.45 -10.21 -1.37
C ALA C 124 18.97 -10.75 -2.68
N GLY C 125 18.87 -12.07 -2.86
CA GLY C 125 19.30 -12.65 -4.11
C GLY C 125 18.79 -14.06 -4.24
N LEU C 126 19.16 -14.69 -5.34
CA LEU C 126 18.76 -16.07 -5.64
C LEU C 126 19.98 -16.94 -5.67
N ARG C 127 19.87 -18.10 -5.04
CA ARG C 127 20.85 -19.15 -5.22
C ARG C 127 20.02 -20.28 -5.79
N GLY C 128 20.19 -20.54 -7.08
CA GLY C 128 19.38 -21.52 -7.78
C GLY C 128 17.92 -21.14 -7.63
N ASP C 129 17.12 -22.01 -7.01
CA ASP C 129 15.70 -21.68 -6.83
C ASP C 129 15.31 -21.23 -5.44
N SER C 130 16.31 -20.80 -4.66
CA SER C 130 16.07 -20.29 -3.31
C SER C 130 16.24 -18.78 -3.27
N LEU C 131 15.25 -18.11 -2.68
CA LEU C 131 15.34 -16.65 -2.46
C LEU C 131 15.89 -16.41 -1.07
N ILE C 132 16.91 -15.56 -0.97
CA ILE C 132 17.56 -15.25 0.30
C ILE C 132 17.38 -13.78 0.55
N VAL C 133 16.79 -13.43 1.71
CA VAL C 133 16.49 -12.03 2.03
C VAL C 133 17.12 -11.64 3.38
N ASN C 134 17.87 -10.53 3.41
CA ASN C 134 18.42 -10.02 4.67
C ASN C 134 17.40 -9.09 5.32
N LEU C 135 16.94 -9.45 6.51
CA LEU C 135 15.96 -8.65 7.29
C LEU C 135 16.67 -7.83 8.39
N PRO C 136 15.97 -6.84 8.99
CA PRO C 136 16.60 -6.04 10.03
C PRO C 136 16.64 -6.78 11.37
N GLY C 137 16.99 -6.10 12.45
CA GLY C 137 17.08 -6.71 13.81
C GLY C 137 15.90 -6.59 14.78
N LYS C 138 15.33 -5.40 14.89
CA LYS C 138 14.25 -5.14 15.84
C LYS C 138 12.94 -5.82 15.38
N PRO C 139 12.22 -6.48 16.31
CA PRO C 139 10.94 -7.13 15.96
C PRO C 139 9.96 -6.22 15.22
N LYS C 140 9.83 -4.96 15.64
CA LYS C 140 8.94 -4.02 14.95
C LYS C 140 9.38 -3.81 13.49
N SER C 141 10.69 -3.61 13.31
CA SER C 141 11.26 -3.45 11.97
C SER C 141 11.14 -4.69 11.11
N ILE C 142 11.34 -5.85 11.71
CA ILE C 142 11.23 -7.13 10.97
C ILE C 142 9.81 -7.27 10.43
N ARG C 143 8.81 -6.99 11.27
CA ARG C 143 7.43 -7.12 10.80
C ARG C 143 7.12 -6.10 9.69
N GLU C 144 7.55 -4.86 9.85
CA GLU C 144 7.29 -3.82 8.83
C GLU C 144 7.99 -4.16 7.52
N CYS C 145 9.18 -4.75 7.63
CA CYS C 145 9.99 -5.10 6.48
C CYS C 145 9.32 -6.23 5.70
N LEU C 146 8.95 -7.30 6.41
CA LEU C 146 8.20 -8.39 5.82
C LEU C 146 6.86 -7.96 5.25
N ASP C 147 6.16 -7.04 5.92
CA ASP C 147 4.89 -6.53 5.39
C ASP C 147 5.09 -5.90 4.03
N ALA C 148 6.21 -5.21 3.87
CA ALA C 148 6.54 -4.55 2.63
C ALA C 148 6.96 -5.51 1.50
N VAL C 149 7.81 -6.48 1.81
CA VAL C 149 8.34 -7.33 0.73
C VAL C 149 7.64 -8.67 0.49
N PHE C 150 7.03 -9.22 1.55
CA PHE C 150 6.43 -10.54 1.45
C PHE C 150 5.31 -10.63 0.40
N PRO C 151 4.50 -9.56 0.22
CA PRO C 151 3.49 -9.64 -0.84
C PRO C 151 4.01 -10.08 -2.22
N ALA C 152 5.31 -9.97 -2.46
CA ALA C 152 5.93 -10.37 -3.76
C ALA C 152 6.55 -11.76 -3.68
N ILE C 153 6.66 -12.32 -2.48
CA ILE C 153 7.45 -13.56 -2.32
C ILE C 153 6.77 -14.85 -2.85
N PRO C 154 5.47 -15.07 -2.51
CA PRO C 154 4.88 -16.31 -3.05
C PRO C 154 4.96 -16.41 -4.58
N TYR C 155 4.73 -15.28 -5.27
CA TYR C 155 4.81 -15.26 -6.74
C TYR C 155 6.24 -15.51 -7.19
N CYS C 156 7.22 -14.95 -6.48
CA CYS C 156 8.62 -15.22 -6.79
C CYS C 156 8.88 -16.74 -6.74
N ILE C 157 8.39 -17.38 -5.68
CA ILE C 157 8.58 -18.82 -5.52
C ILE C 157 7.84 -19.63 -6.61
N ASP C 158 6.62 -19.20 -6.96
CA ASP C 158 5.90 -19.78 -8.12
C ASP C 158 6.77 -19.75 -9.39
N LEU C 159 7.40 -18.60 -9.65
CA LEU C 159 8.24 -18.43 -10.84
C LEU C 159 9.48 -19.32 -10.81
N MSE C 160 9.94 -19.65 -9.61
N MSE C 160 9.89 -19.63 -9.58
CA MSE C 160 11.06 -20.58 -9.48
CA MSE C 160 10.98 -20.55 -9.24
C MSE C 160 10.58 -22.02 -9.29
C MSE C 160 10.60 -22.02 -9.37
O MSE C 160 11.35 -22.86 -8.83
O MSE C 160 11.45 -22.90 -9.21
CB MSE C 160 11.97 -20.15 -8.32
CB MSE C 160 11.38 -20.34 -7.78
CG MSE C 160 12.10 -18.66 -8.19
CG MSE C 160 12.53 -19.41 -7.53
SE MSE C 160 13.56 -18.15 -7.02
SE MSE C 160 12.81 -18.31 -9.09
CE MSE C 160 15.03 -18.42 -8.24
CE MSE C 160 13.85 -19.63 -10.09
N GLU C 161 9.33 -22.27 -9.66
CA GLU C 161 8.72 -23.63 -9.64
C GLU C 161 8.75 -24.28 -8.26
N GLY C 162 8.75 -23.45 -7.22
CA GLY C 162 8.76 -23.96 -5.86
C GLY C 162 7.34 -24.21 -5.38
N PRO C 163 7.18 -24.54 -4.08
CA PRO C 163 5.88 -24.78 -3.46
C PRO C 163 4.97 -23.56 -3.58
N TYR C 164 3.68 -23.81 -3.65
CA TYR C 164 2.66 -22.77 -3.67
C TYR C 164 2.35 -22.35 -2.22
N LEU C 165 2.81 -21.18 -1.84
CA LEU C 165 2.51 -20.65 -0.49
C LEU C 165 1.11 -20.04 -0.45
N GLU C 166 0.34 -20.44 0.56
CA GLU C 166 -1.00 -19.92 0.76
C GLU C 166 -1.06 -19.05 2.01
N CYS C 167 -1.63 -17.86 1.87
CA CYS C 167 -1.62 -16.85 2.93
C CYS C 167 -2.99 -16.52 3.48
N ASN C 168 -3.00 -16.09 4.74
CA ASN C 168 -4.18 -15.54 5.37
C ASN C 168 -4.37 -14.13 4.86
N GLU C 169 -5.38 -13.94 4.01
CA GLU C 169 -5.52 -12.68 3.28
C GLU C 169 -6.04 -11.51 4.12
N ALA C 170 -6.51 -11.80 5.34
CA ALA C 170 -6.88 -10.76 6.29
C ALA C 170 -5.63 -10.11 6.88
N VAL C 171 -4.50 -10.83 6.77
CA VAL C 171 -3.21 -10.42 7.34
C VAL C 171 -2.25 -9.92 6.26
N ILE C 172 -2.18 -10.63 5.14
CA ILE C 172 -1.31 -10.25 4.03
C ILE C 172 -1.89 -10.75 2.69
N LYS C 173 -1.82 -9.91 1.65
CA LYS C 173 -2.33 -10.31 0.34
C LYS C 173 -1.20 -10.38 -0.68
N PRO C 174 -0.67 -11.60 -0.90
CA PRO C 174 0.35 -11.76 -1.91
C PRO C 174 -0.26 -11.49 -3.28
N PHE C 175 0.50 -10.83 -4.15
CA PHE C 175 0.04 -10.56 -5.49
C PHE C 175 0.57 -11.61 -6.45
N ARG C 176 -0.33 -12.19 -7.25
CA ARG C 176 0.03 -13.13 -8.30
C ARG C 176 -0.62 -12.71 -9.63
N PRO C 177 0.17 -12.11 -10.54
CA PRO C 177 -0.35 -11.67 -11.85
C PRO C 177 -0.45 -12.83 -12.83
N LYS D 6 -38.45 -28.06 15.50
CA LYS D 6 -38.73 -26.65 15.88
C LYS D 6 -37.85 -25.62 15.19
N ALA D 7 -38.25 -24.36 15.31
CA ALA D 7 -37.32 -23.28 15.12
C ALA D 7 -36.40 -23.29 16.35
N LYS D 8 -35.10 -23.22 16.11
CA LYS D 8 -34.15 -23.08 17.21
C LYS D 8 -33.45 -21.72 17.04
N ILE D 9 -33.44 -20.92 18.11
CA ILE D 9 -32.83 -19.59 18.10
C ILE D 9 -31.70 -19.54 19.13
N GLY D 10 -30.49 -19.23 18.68
CA GLY D 10 -29.32 -19.19 19.56
C GLY D 10 -29.19 -17.82 20.21
N ILE D 11 -28.88 -17.81 21.50
CA ILE D 11 -28.69 -16.56 22.24
C ILE D 11 -27.36 -16.65 22.96
N VAL D 12 -26.43 -15.77 22.58
CA VAL D 12 -25.09 -15.77 23.20
C VAL D 12 -24.84 -14.47 23.98
N THR D 13 -24.64 -14.58 25.30
CA THR D 13 -24.21 -13.46 26.10
C THR D 13 -22.68 -13.50 26.27
N VAL D 14 -22.00 -12.46 25.78
CA VAL D 14 -20.56 -12.35 25.89
C VAL D 14 -20.24 -11.38 27.04
N SER D 15 -19.65 -11.89 28.12
CA SER D 15 -19.49 -11.09 29.34
C SER D 15 -18.23 -11.48 30.12
N ASP D 16 -17.57 -10.49 30.71
CA ASP D 16 -16.39 -10.75 31.55
C ASP D 16 -16.74 -11.42 32.88
N ARG D 17 -18.03 -11.38 33.24
CA ARG D 17 -18.53 -11.95 34.49
C ARG D 17 -19.20 -13.31 34.25
N ALA D 18 -18.93 -13.88 33.06
CA ALA D 18 -19.50 -15.13 32.59
C ALA D 18 -19.30 -16.32 33.52
N SER D 19 -18.13 -16.39 34.15
CA SER D 19 -17.79 -17.49 35.04
C SER D 19 -18.59 -17.43 36.34
N ALA D 20 -19.19 -16.27 36.64
CA ALA D 20 -19.95 -16.10 37.88
C ALA D 20 -21.37 -16.63 37.77
N GLY D 21 -21.68 -17.68 38.53
CA GLY D 21 -23.03 -18.23 38.61
C GLY D 21 -24.08 -17.19 39.00
N ILE D 22 -23.75 -16.41 40.03
CA ILE D 22 -24.62 -15.35 40.59
C ILE D 22 -24.79 -14.09 39.71
N TYR D 23 -24.16 -14.07 38.54
CA TYR D 23 -24.36 -13.00 37.57
C TYR D 23 -25.77 -13.10 36.98
N GLU D 24 -26.58 -12.06 37.22
CA GLU D 24 -27.89 -11.93 36.60
C GLU D 24 -27.72 -11.38 35.19
N ASP D 25 -27.89 -12.24 34.19
CA ASP D 25 -27.77 -11.82 32.79
C ASP D 25 -29.05 -11.12 32.34
N ILE D 26 -29.17 -9.83 32.66
CA ILE D 26 -30.35 -9.07 32.26
C ILE D 26 -30.46 -8.88 30.73
N SER D 27 -29.34 -8.84 30.02
CA SER D 27 -29.33 -8.71 28.55
C SER D 27 -29.91 -9.94 27.86
N GLY D 28 -29.38 -11.11 28.19
CA GLY D 28 -29.90 -12.39 27.67
C GLY D 28 -31.38 -12.55 27.98
N LYS D 29 -31.77 -12.24 29.21
CA LYS D 29 -33.17 -12.33 29.62
C LYS D 29 -34.04 -11.41 28.77
N ALA D 30 -33.57 -10.18 28.53
CA ALA D 30 -34.28 -9.25 27.66
C ALA D 30 -34.53 -9.83 26.25
N ILE D 31 -33.52 -10.51 25.71
CA ILE D 31 -33.63 -11.13 24.39
C ILE D 31 -34.70 -12.25 24.40
N ILE D 32 -34.57 -13.19 25.32
CA ILE D 32 -35.52 -14.29 25.42
C ILE D 32 -36.94 -13.75 25.62
N ASP D 33 -37.09 -12.78 26.53
CA ASP D 33 -38.41 -12.21 26.83
C ASP D 33 -39.01 -11.52 25.61
N THR D 34 -38.19 -10.80 24.86
CA THR D 34 -38.62 -10.14 23.63
C THR D 34 -39.09 -11.14 22.57
N LEU D 35 -38.28 -12.18 22.35
CA LEU D 35 -38.58 -13.21 21.37
C LEU D 35 -39.88 -13.98 21.73
N ASN D 36 -40.05 -14.26 23.02
CA ASN D 36 -41.29 -14.83 23.53
C ASN D 36 -42.51 -13.94 23.25
N ASP D 37 -42.32 -12.64 23.34
CA ASP D 37 -43.39 -11.69 23.03
C ASP D 37 -43.69 -11.67 21.52
N TYR D 38 -42.64 -11.77 20.71
CA TYR D 38 -42.74 -11.75 19.24
C TYR D 38 -43.43 -12.97 18.66
N LEU D 39 -43.02 -14.15 19.12
CA LEU D 39 -43.32 -15.38 18.40
C LEU D 39 -44.54 -16.12 18.92
N THR D 40 -45.40 -16.56 17.99
CA THR D 40 -46.54 -17.42 18.30
C THR D 40 -46.30 -18.86 17.85
N SER D 41 -45.38 -19.03 16.90
CA SER D 41 -44.97 -20.36 16.47
C SER D 41 -44.06 -20.98 17.51
N GLU D 42 -43.95 -22.31 17.50
CA GLU D 42 -43.10 -23.03 18.45
C GLU D 42 -41.61 -22.81 18.14
N TRP D 43 -40.86 -22.42 19.17
CA TRP D 43 -39.41 -22.24 19.04
C TRP D 43 -38.71 -22.62 20.34
N GLU D 44 -37.40 -22.87 20.24
CA GLU D 44 -36.57 -23.26 21.37
C GLU D 44 -35.38 -22.33 21.44
N PRO D 45 -35.17 -21.69 22.61
CA PRO D 45 -33.93 -20.94 22.79
C PRO D 45 -32.75 -21.87 23.10
N ILE D 46 -31.61 -21.59 22.50
CA ILE D 46 -30.36 -22.27 22.83
C ILE D 46 -29.46 -21.18 23.39
N TYR D 47 -29.10 -21.31 24.67
CA TYR D 47 -28.56 -20.17 25.42
C TYR D 47 -27.20 -20.50 25.99
N GLN D 48 -26.26 -19.57 25.82
CA GLN D 48 -24.92 -19.74 26.31
C GLN D 48 -24.41 -18.41 26.84
N VAL D 49 -23.77 -18.45 28.01
CA VAL D 49 -23.05 -17.29 28.52
C VAL D 49 -21.56 -17.58 28.49
N ILE D 50 -20.79 -16.75 27.81
CA ILE D 50 -19.37 -17.04 27.57
C ILE D 50 -18.50 -15.81 27.83
N PRO D 51 -17.19 -16.03 28.12
CA PRO D 51 -16.30 -14.89 28.34
C PRO D 51 -15.94 -14.16 27.04
N ASP D 52 -15.38 -12.96 27.11
N ASP D 52 -15.36 -12.97 27.16
CA ASP D 52 -15.02 -12.25 25.89
CA ASP D 52 -14.88 -12.18 26.02
C ASP D 52 -13.67 -12.70 25.34
C ASP D 52 -13.57 -12.77 25.52
N GLU D 53 -13.64 -13.96 24.92
CA GLU D 53 -12.48 -14.59 24.32
C GLU D 53 -12.91 -14.94 22.91
N GLN D 54 -12.23 -14.39 21.91
CA GLN D 54 -12.67 -14.54 20.52
C GLN D 54 -12.83 -15.99 20.04
N ASP D 55 -11.85 -16.85 20.35
CA ASP D 55 -11.97 -18.28 20.03
C ASP D 55 -13.24 -18.93 20.59
N VAL D 56 -13.62 -18.56 21.82
CA VAL D 56 -14.80 -19.14 22.49
C VAL D 56 -16.09 -18.68 21.82
N ILE D 57 -16.17 -17.38 21.54
CA ILE D 57 -17.28 -16.84 20.76
C ILE D 57 -17.42 -17.58 19.42
N GLU D 58 -16.32 -17.73 18.68
CA GLU D 58 -16.40 -18.43 17.39
C GLU D 58 -16.88 -19.88 17.51
N THR D 59 -16.37 -20.60 18.52
CA THR D 59 -16.79 -21.97 18.82
C THR D 59 -18.29 -22.04 19.11
N THR D 60 -18.77 -21.09 19.90
CA THR D 60 -20.16 -21.10 20.32
C THR D 60 -21.11 -20.86 19.13
N LEU D 61 -20.77 -19.89 18.29
CA LEU D 61 -21.55 -19.59 17.09
C LEU D 61 -21.56 -20.77 16.13
N ILE D 62 -20.40 -21.37 15.89
CA ILE D 62 -20.31 -22.50 14.95
C ILE D 62 -21.15 -23.70 15.40
N LYS D 63 -21.07 -24.04 16.70
CA LYS D 63 -21.88 -25.15 17.25
C LYS D 63 -23.39 -24.89 17.07
N MSE D 64 -23.82 -23.67 17.42
CA MSE D 64 -25.22 -23.27 17.25
C MSE D 64 -25.67 -23.31 15.79
O MSE D 64 -26.78 -23.78 15.50
CB MSE D 64 -25.44 -21.88 17.82
CG MSE D 64 -25.43 -21.83 19.32
SE MSE D 64 -25.56 -20.00 19.96
CE MSE D 64 -25.80 -20.47 21.87
N ALA D 65 -24.82 -22.83 14.88
CA ALA D 65 -25.17 -22.81 13.45
C ALA D 65 -25.08 -24.20 12.82
N ASP D 66 -23.95 -24.87 13.03
CA ASP D 66 -23.65 -26.11 12.29
C ASP D 66 -24.23 -27.41 12.84
N GLU D 67 -24.33 -27.48 14.16
CA GLU D 67 -24.74 -28.72 14.82
C GLU D 67 -26.15 -28.62 15.38
N GLN D 68 -26.50 -27.43 15.87
CA GLN D 68 -27.75 -27.24 16.59
C GLN D 68 -28.85 -26.63 15.71
N ASP D 69 -28.50 -26.36 14.45
CA ASP D 69 -29.43 -25.90 13.44
C ASP D 69 -30.24 -24.65 13.80
N CYS D 70 -29.60 -23.69 14.48
CA CYS D 70 -30.25 -22.42 14.79
C CYS D 70 -30.48 -21.61 13.51
N CYS D 71 -31.73 -21.22 13.25
CA CYS D 71 -32.04 -20.42 12.07
C CYS D 71 -31.59 -18.98 12.28
N LEU D 72 -31.53 -18.57 13.55
CA LEU D 72 -31.08 -17.24 13.92
C LEU D 72 -30.27 -17.37 15.19
N ILE D 73 -29.19 -16.60 15.24
CA ILE D 73 -28.35 -16.53 16.43
C ILE D 73 -28.16 -15.05 16.74
N VAL D 74 -28.46 -14.63 17.97
CA VAL D 74 -28.24 -13.24 18.37
C VAL D 74 -27.23 -13.22 19.51
N THR D 75 -26.34 -12.24 19.50
CA THR D 75 -25.32 -12.07 20.55
C THR D 75 -25.60 -10.78 21.28
N THR D 76 -25.18 -10.71 22.54
CA THR D 76 -25.18 -9.45 23.28
C THR D 76 -23.85 -9.29 23.97
N GLY D 77 -23.27 -8.10 23.83
CA GLY D 77 -22.02 -7.73 24.49
C GLY D 77 -20.80 -7.78 23.56
N GLY D 78 -19.77 -7.00 23.92
CA GLY D 78 -18.46 -7.05 23.27
C GLY D 78 -18.38 -6.40 21.89
N THR D 79 -19.09 -5.29 21.68
CA THR D 79 -19.14 -4.70 20.33
C THR D 79 -18.75 -3.21 20.27
N GLY D 80 -18.13 -2.70 21.32
CA GLY D 80 -17.66 -1.29 21.30
C GLY D 80 -16.19 -1.14 20.92
N PRO D 81 -15.62 0.06 21.12
CA PRO D 81 -14.26 0.30 20.67
C PRO D 81 -13.16 -0.29 21.55
N ALA D 82 -13.48 -0.67 22.79
CA ALA D 82 -12.47 -1.18 23.72
C ALA D 82 -11.80 -2.40 23.13
N LYS D 83 -10.49 -2.51 23.37
CA LYS D 83 -9.64 -3.60 22.85
C LYS D 83 -10.25 -4.99 23.05
N ARG D 84 -10.83 -5.17 24.23
CA ARG D 84 -11.37 -6.43 24.71
C ARG D 84 -12.59 -6.88 23.89
N ASP D 85 -13.24 -5.91 23.23
CA ASP D 85 -14.49 -6.15 22.51
C ASP D 85 -14.25 -6.80 21.14
N VAL D 86 -14.44 -8.12 21.08
CA VAL D 86 -14.07 -8.91 19.92
C VAL D 86 -15.27 -9.65 19.30
N THR D 87 -16.50 -9.33 19.75
CA THR D 87 -17.69 -10.02 19.23
C THR D 87 -17.84 -9.83 17.70
N PRO D 88 -17.61 -8.59 17.16
CA PRO D 88 -17.77 -8.47 15.70
C PRO D 88 -16.72 -9.27 14.93
N GLU D 89 -15.48 -9.29 15.43
CA GLU D 89 -14.41 -10.08 14.79
C GLU D 89 -14.75 -11.56 14.78
N ALA D 90 -15.31 -12.08 15.88
CA ALA D 90 -15.71 -13.47 15.91
C ALA D 90 -16.81 -13.74 14.89
N THR D 91 -17.74 -12.79 14.78
CA THR D 91 -18.88 -12.90 13.87
C THR D 91 -18.42 -12.91 12.41
N GLU D 92 -17.51 -11.99 12.06
N GLU D 92 -17.50 -12.00 12.08
CA GLU D 92 -16.95 -11.92 10.72
CA GLU D 92 -16.94 -11.91 10.74
C GLU D 92 -16.23 -13.20 10.37
C GLU D 92 -16.26 -13.21 10.38
N ALA D 93 -15.50 -13.74 11.34
CA ALA D 93 -14.70 -14.95 11.12
C ALA D 93 -15.57 -16.16 10.77
N VAL D 94 -16.73 -16.29 11.42
CA VAL D 94 -17.57 -17.49 11.29
C VAL D 94 -18.60 -17.38 10.16
N CYS D 95 -18.97 -16.14 9.80
CA CYS D 95 -19.91 -15.91 8.71
C CYS D 95 -19.20 -16.02 7.38
N ASP D 96 -19.94 -16.45 6.35
CA ASP D 96 -19.35 -16.51 4.99
C ASP D 96 -19.74 -15.31 4.14
N ARG D 97 -20.74 -14.55 4.58
CA ARG D 97 -21.05 -13.24 3.98
C ARG D 97 -21.88 -12.36 4.88
N MSE D 98 -21.62 -11.06 4.75
CA MSE D 98 -22.09 -10.10 5.70
C MSE D 98 -23.33 -9.41 5.18
O MSE D 98 -23.60 -9.41 3.99
CB MSE D 98 -20.99 -9.12 6.08
CG MSE D 98 -19.69 -9.82 6.51
SE MSE D 98 -19.98 -11.09 7.99
CE MSE D 98 -20.36 -9.79 9.42
N MSE D 99 -24.11 -8.88 6.12
CA MSE D 99 -25.36 -8.23 5.82
C MSE D 99 -25.25 -6.80 6.32
O MSE D 99 -25.63 -6.52 7.46
CB MSE D 99 -26.47 -8.96 6.59
CG MSE D 99 -26.56 -10.43 6.20
SE MSE D 99 -27.46 -10.56 4.46
CE MSE D 99 -29.24 -10.39 5.20
N PRO D 100 -24.71 -5.90 5.48
CA PRO D 100 -24.45 -4.51 5.91
C PRO D 100 -25.67 -3.73 6.36
N GLY D 101 -26.86 -4.06 5.84
CA GLY D 101 -28.09 -3.35 6.23
C GLY D 101 -28.42 -3.40 7.71
N PHE D 102 -28.04 -4.50 8.36
CA PHE D 102 -28.27 -4.68 9.79
C PHE D 102 -27.51 -3.65 10.64
N GLY D 103 -26.19 -3.60 10.45
CA GLY D 103 -25.35 -2.65 11.21
C GLY D 103 -25.79 -1.20 11.00
N GLU D 104 -26.12 -0.86 9.75
CA GLU D 104 -26.67 0.46 9.43
C GLU D 104 -27.93 0.81 10.23
N LEU D 105 -28.93 -0.05 10.19
CA LEU D 105 -30.20 0.24 10.86
C LEU D 105 -30.04 0.20 12.37
N MSE D 106 -29.26 -0.75 12.87
CA MSE D 106 -29.13 -0.85 14.32
C MSE D 106 -28.44 0.40 14.88
O MSE D 106 -28.86 0.92 15.90
CB MSE D 106 -28.43 -2.12 14.75
CG MSE D 106 -29.19 -3.39 14.35
SE MSE D 106 -28.34 -4.99 15.08
CE MSE D 106 -26.63 -5.03 14.15
N ARG D 107 -27.42 0.90 14.19
CA ARG D 107 -26.78 2.15 14.61
C ARG D 107 -27.74 3.32 14.52
N ALA D 108 -28.51 3.40 13.43
CA ALA D 108 -29.50 4.47 13.29
C ALA D 108 -30.54 4.48 14.41
N GLU D 109 -31.01 3.29 14.79
CA GLU D 109 -32.03 3.17 15.84
C GLU D 109 -31.50 3.65 17.19
N SER D 110 -30.25 3.29 17.47
CA SER D 110 -29.60 3.71 18.70
C SER D 110 -29.29 5.21 18.65
N LEU D 111 -28.93 5.71 17.46
CA LEU D 111 -28.62 7.14 17.31
C LEU D 111 -29.82 8.05 17.56
N LYS D 112 -31.04 7.53 17.38
CA LYS D 112 -32.25 8.28 17.81
C LYS D 112 -32.06 8.88 19.20
N PHE D 113 -31.36 8.13 20.06
CA PHE D 113 -31.32 8.43 21.50
C PHE D 113 -29.95 8.79 22.06
N VAL D 114 -28.86 8.20 21.54
CA VAL D 114 -27.51 8.57 22.03
C VAL D 114 -26.47 8.77 20.94
N PRO D 115 -25.70 9.87 21.01
CA PRO D 115 -24.72 10.20 19.98
C PRO D 115 -23.61 9.14 19.85
N THR D 116 -23.38 8.38 20.93
CA THR D 116 -22.34 7.34 20.94
C THR D 116 -22.72 6.06 20.23
N ALA D 117 -23.91 6.01 19.67
CA ALA D 117 -24.33 4.93 18.78
C ALA D 117 -23.27 4.67 17.69
N ILE D 118 -22.63 5.72 17.21
CA ILE D 118 -21.65 5.56 16.12
C ILE D 118 -20.38 4.80 16.53
N LEU D 119 -20.19 4.57 17.83
CA LEU D 119 -19.02 3.80 18.30
C LEU D 119 -19.24 2.28 18.20
N SER D 120 -20.50 1.88 17.98
CA SER D 120 -20.84 0.44 17.88
C SER D 120 -20.30 -0.26 16.64
N ARG D 121 -19.71 -1.44 16.84
CA ARG D 121 -19.20 -2.25 15.74
C ARG D 121 -20.09 -3.46 15.48
N GLN D 122 -21.29 -3.44 16.05
CA GLN D 122 -22.28 -4.51 15.82
C GLN D 122 -22.47 -4.75 14.33
N THR D 123 -22.49 -6.02 13.96
CA THR D 123 -22.73 -6.38 12.59
C THR D 123 -23.67 -7.60 12.49
N ALA D 124 -23.82 -8.15 11.30
CA ALA D 124 -24.65 -9.32 11.07
C ALA D 124 -24.20 -9.99 9.78
N GLY D 125 -24.41 -11.30 9.71
CA GLY D 125 -24.01 -12.05 8.54
C GLY D 125 -24.63 -13.42 8.53
N LEU D 126 -24.29 -14.19 7.52
CA LEU D 126 -24.81 -15.53 7.33
C LEU D 126 -23.69 -16.56 7.44
N ARG D 127 -23.93 -17.62 8.21
CA ARG D 127 -23.10 -18.82 8.14
C ARG D 127 -23.97 -19.92 7.58
N GLY D 128 -23.72 -20.30 6.33
CA GLY D 128 -24.64 -21.17 5.57
C GLY D 128 -26.03 -20.58 5.59
N ASP D 129 -26.96 -21.33 6.19
CA ASP D 129 -28.35 -20.85 6.28
C ASP D 129 -28.75 -20.18 7.59
N SER D 130 -27.79 -20.01 8.49
CA SER D 130 -27.99 -19.37 9.81
C SER D 130 -27.67 -17.88 9.79
N LEU D 131 -28.63 -17.04 10.20
CA LEU D 131 -28.38 -15.60 10.35
C LEU D 131 -27.84 -15.28 11.73
N ILE D 132 -26.75 -14.53 11.79
CA ILE D 132 -26.13 -14.13 13.06
C ILE D 132 -26.18 -12.60 13.20
N VAL D 133 -26.76 -12.12 14.30
CA VAL D 133 -26.93 -10.68 14.50
C VAL D 133 -26.38 -10.24 15.87
N ASN D 134 -25.51 -9.22 15.85
CA ASN D 134 -24.97 -8.63 17.06
C ASN D 134 -25.92 -7.58 17.60
N LEU D 135 -26.41 -7.84 18.81
CA LEU D 135 -27.32 -6.91 19.48
C LEU D 135 -26.54 -6.11 20.51
N PRO D 136 -27.11 -5.00 21.00
CA PRO D 136 -26.45 -4.21 22.05
C PRO D 136 -26.51 -4.84 23.43
N GLY D 137 -26.21 -4.05 24.46
CA GLY D 137 -26.08 -4.56 25.84
C GLY D 137 -27.20 -4.31 26.84
N LYS D 138 -27.81 -3.13 26.81
CA LYS D 138 -28.87 -2.78 27.77
C LYS D 138 -30.24 -3.29 27.30
N PRO D 139 -31.06 -3.83 28.23
CA PRO D 139 -32.39 -4.32 27.84
C PRO D 139 -33.24 -3.34 27.02
N LYS D 140 -33.23 -2.06 27.39
CA LYS D 140 -33.95 -1.04 26.62
C LYS D 140 -33.47 -1.00 25.16
N SER D 141 -32.16 -0.90 24.98
CA SER D 141 -31.55 -0.85 23.65
C SER D 141 -31.76 -2.14 22.86
N ILE D 142 -31.70 -3.28 23.55
CA ILE D 142 -31.99 -4.56 22.92
C ILE D 142 -33.43 -4.63 22.37
N ARG D 143 -34.42 -4.20 23.16
CA ARG D 143 -35.79 -4.29 22.68
C ARG D 143 -35.99 -3.34 21.48
N GLU D 144 -35.42 -2.14 21.55
CA GLU D 144 -35.50 -1.16 20.44
C GLU D 144 -34.82 -1.67 19.16
N CYS D 145 -33.70 -2.33 19.36
CA CYS D 145 -32.90 -2.90 18.26
C CYS D 145 -33.68 -4.00 17.58
N LEU D 146 -34.16 -4.94 18.38
CA LEU D 146 -34.97 -6.03 17.85
C LEU D 146 -36.26 -5.51 17.20
N ASP D 147 -36.93 -4.53 17.81
CA ASP D 147 -38.12 -3.95 17.17
C ASP D 147 -37.83 -3.42 15.75
N ALA D 148 -36.62 -2.89 15.55
CA ALA D 148 -36.20 -2.33 14.27
C ALA D 148 -35.85 -3.41 13.22
N VAL D 149 -35.07 -4.42 13.61
CA VAL D 149 -34.55 -5.36 12.60
C VAL D 149 -35.36 -6.63 12.49
N PHE D 150 -36.04 -7.02 13.57
CA PHE D 150 -36.74 -8.30 13.53
C PHE D 150 -37.83 -8.38 12.45
N PRO D 151 -38.49 -7.25 12.13
CA PRO D 151 -39.52 -7.36 11.08
C PRO D 151 -39.00 -7.89 9.75
N ALA D 152 -37.68 -7.83 9.53
CA ALA D 152 -37.06 -8.41 8.32
C ALA D 152 -36.58 -9.85 8.45
N ILE D 153 -36.51 -10.38 9.67
CA ILE D 153 -35.86 -11.68 9.92
C ILE D 153 -36.69 -12.94 9.43
N PRO D 154 -37.99 -13.04 9.78
CA PRO D 154 -38.78 -14.18 9.27
C PRO D 154 -38.65 -14.40 7.76
N TYR D 155 -38.75 -13.32 6.96
CA TYR D 155 -38.53 -13.45 5.52
C TYR D 155 -37.12 -13.86 5.12
N CYS D 156 -36.13 -13.36 5.87
CA CYS D 156 -34.76 -13.78 5.60
C CYS D 156 -34.67 -15.29 5.81
N ILE D 157 -35.25 -15.77 6.90
CA ILE D 157 -35.21 -17.19 7.23
C ILE D 157 -35.95 -18.00 6.14
N ASP D 158 -37.16 -17.58 5.79
CA ASP D 158 -37.87 -18.13 4.62
C ASP D 158 -36.95 -18.28 3.42
N LEU D 159 -36.21 -17.23 3.08
CA LEU D 159 -35.30 -17.26 1.91
C LEU D 159 -34.14 -18.24 2.05
N MSE D 160 -33.74 -18.52 3.28
N MSE D 160 -33.78 -18.54 3.29
CA MSE D 160 -32.71 -19.52 3.55
CA MSE D 160 -32.75 -19.51 3.62
C MSE D 160 -33.31 -20.90 3.82
C MSE D 160 -33.27 -20.93 3.68
O MSE D 160 -32.67 -21.74 4.45
O MSE D 160 -32.52 -21.86 4.00
CB MSE D 160 -31.77 -19.08 4.68
CB MSE D 160 -32.12 -19.16 4.97
CG MSE D 160 -30.53 -18.34 4.18
CG MSE D 160 -31.51 -17.79 4.99
SE MSE D 160 -29.69 -17.18 5.52
SE MSE D 160 -30.43 -17.55 3.40
CE MSE D 160 -31.24 -16.80 6.62
CE MSE D 160 -29.77 -19.37 3.28
N GLU D 161 -34.55 -21.10 3.36
CA GLU D 161 -35.24 -22.41 3.40
C GLU D 161 -35.45 -22.95 4.83
N GLY D 162 -35.55 -22.04 5.79
CA GLY D 162 -35.66 -22.40 7.20
C GLY D 162 -37.10 -22.44 7.68
N PRO D 163 -37.30 -22.67 8.99
CA PRO D 163 -38.64 -22.72 9.59
C PRO D 163 -39.42 -21.43 9.38
N TYR D 164 -40.74 -21.55 9.23
CA TYR D 164 -41.63 -20.41 9.03
C TYR D 164 -42.05 -19.79 10.37
N LEU D 165 -41.42 -18.66 10.71
CA LEU D 165 -41.71 -18.00 11.98
C LEU D 165 -43.04 -17.24 11.92
N GLU D 166 -43.87 -17.46 12.93
CA GLU D 166 -45.15 -16.77 13.03
C GLU D 166 -45.17 -15.87 14.26
N CYS D 167 -45.68 -14.65 14.08
CA CYS D 167 -45.55 -13.62 15.12
C CYS D 167 -46.91 -13.22 15.64
N ASN D 168 -46.92 -12.71 16.87
CA ASN D 168 -48.08 -12.02 17.45
C ASN D 168 -48.12 -10.61 16.86
N GLU D 169 -49.01 -10.40 15.89
CA GLU D 169 -49.07 -9.12 15.16
C GLU D 169 -49.53 -7.93 16.03
N ALA D 170 -50.00 -8.19 17.25
CA ALA D 170 -50.20 -7.12 18.25
C ALA D 170 -48.88 -6.59 18.81
N VAL D 171 -47.81 -7.37 18.66
CA VAL D 171 -46.48 -7.07 19.23
C VAL D 171 -45.47 -6.68 18.15
N ILE D 172 -45.49 -7.41 17.02
CA ILE D 172 -44.57 -7.14 15.90
C ILE D 172 -45.18 -7.61 14.58
N LYS D 173 -44.89 -6.89 13.49
CA LYS D 173 -45.46 -7.20 12.18
C LYS D 173 -44.36 -7.46 11.16
N PRO D 174 -43.94 -8.74 11.04
CA PRO D 174 -42.89 -9.07 10.07
C PRO D 174 -43.38 -8.88 8.64
N PHE D 175 -42.46 -8.52 7.74
CA PHE D 175 -42.84 -8.32 6.34
C PHE D 175 -42.38 -9.47 5.45
N ARG D 176 -43.31 -9.95 4.60
CA ARG D 176 -43.04 -10.98 3.60
C ARG D 176 -43.62 -10.58 2.23
N PRO D 177 -42.76 -10.35 1.22
CA PRO D 177 -43.29 -10.02 -0.10
C PRO D 177 -43.71 -11.28 -0.85
N LYS E 6 22.81 10.39 -38.31
CA LYS E 6 21.54 9.63 -38.13
C LYS E 6 21.65 8.64 -36.96
N ALA E 7 20.65 8.69 -36.08
CA ALA E 7 20.66 7.87 -34.88
C ALA E 7 20.31 6.41 -35.19
N LYS E 8 21.05 5.48 -34.59
CA LYS E 8 20.72 4.06 -34.72
C LYS E 8 20.33 3.57 -33.34
N ILE E 9 19.18 2.92 -33.24
CA ILE E 9 18.70 2.42 -31.95
C ILE E 9 18.47 0.93 -32.02
N GLY E 10 19.18 0.20 -31.16
CA GLY E 10 19.05 -1.26 -31.10
C GLY E 10 17.81 -1.67 -30.32
N ILE E 11 17.13 -2.69 -30.83
CA ILE E 11 15.94 -3.21 -30.17
C ILE E 11 16.12 -4.72 -30.13
N VAL E 12 16.19 -5.28 -28.92
CA VAL E 12 16.39 -6.71 -28.75
C VAL E 12 15.22 -7.38 -28.03
N THR E 13 14.51 -8.25 -28.74
CA THR E 13 13.50 -9.06 -28.09
C THR E 13 14.11 -10.38 -27.64
N VAL E 14 14.13 -10.60 -26.33
CA VAL E 14 14.73 -11.79 -25.74
C VAL E 14 13.62 -12.72 -25.27
N SER E 15 13.56 -13.91 -25.84
CA SER E 15 12.46 -14.85 -25.62
C SER E 15 12.66 -16.14 -26.38
N ASP E 16 12.79 -17.25 -25.66
CA ASP E 16 12.84 -18.58 -26.25
C ASP E 16 11.63 -18.79 -27.17
N ARG E 17 10.45 -18.37 -26.71
CA ARG E 17 9.18 -18.55 -27.45
C ARG E 17 9.17 -17.81 -28.80
N ALA E 18 9.57 -16.54 -28.80
CA ALA E 18 9.54 -15.71 -30.00
C ALA E 18 10.61 -16.16 -30.99
N SER E 19 11.75 -16.58 -30.45
CA SER E 19 12.84 -17.12 -31.25
C SER E 19 12.41 -18.40 -31.97
N ALA E 20 11.64 -19.24 -31.29
CA ALA E 20 11.15 -20.50 -31.87
C ALA E 20 10.05 -20.26 -32.91
N GLY E 21 9.32 -19.17 -32.77
CA GLY E 21 8.28 -18.84 -33.73
C GLY E 21 7.00 -18.39 -33.06
N ILE E 22 6.58 -17.18 -33.39
CA ILE E 22 5.42 -16.58 -32.74
C ILE E 22 4.69 -15.84 -33.84
N TYR E 23 3.36 -15.75 -33.72
CA TYR E 23 2.58 -15.03 -34.70
C TYR E 23 3.14 -13.58 -34.88
N GLU E 24 3.42 -12.91 -33.78
CA GLU E 24 3.95 -11.54 -33.83
C GLU E 24 4.74 -11.22 -32.57
N ASP E 25 5.65 -10.25 -32.69
CA ASP E 25 6.44 -9.75 -31.55
C ASP E 25 5.87 -8.45 -31.00
N ILE E 26 4.92 -8.59 -30.05
CA ILE E 26 4.25 -7.42 -29.50
C ILE E 26 5.16 -6.53 -28.69
N SER E 27 6.19 -7.13 -28.09
CA SER E 27 7.13 -6.36 -27.26
C SER E 27 8.02 -5.47 -28.10
N GLY E 28 8.70 -6.07 -29.07
CA GLY E 28 9.50 -5.29 -30.01
C GLY E 28 8.69 -4.19 -30.68
N LYS E 29 7.48 -4.52 -31.08
CA LYS E 29 6.57 -3.58 -31.72
C LYS E 29 6.25 -2.41 -30.79
N ALA E 30 5.95 -2.70 -29.52
CA ALA E 30 5.69 -1.65 -28.53
C ALA E 30 6.89 -0.69 -28.42
N ILE E 31 8.10 -1.20 -28.41
CA ILE E 31 9.30 -0.37 -28.39
C ILE E 31 9.40 0.51 -29.63
N ILE E 32 9.22 -0.09 -30.81
CA ILE E 32 9.30 0.67 -32.06
C ILE E 32 8.24 1.77 -32.11
N ASP E 33 7.02 1.43 -31.73
CA ASP E 33 5.91 2.38 -31.78
C ASP E 33 6.10 3.54 -30.81
N THR E 34 6.57 3.22 -29.60
CA THR E 34 6.87 4.23 -28.59
C THR E 34 7.96 5.17 -29.09
N LEU E 35 9.03 4.61 -29.65
CA LEU E 35 10.13 5.45 -30.16
C LEU E 35 9.65 6.36 -31.31
N ASN E 36 8.84 5.79 -32.21
CA ASN E 36 8.20 6.56 -33.28
C ASN E 36 7.31 7.71 -32.77
N ASP E 37 6.54 7.46 -31.71
CA ASP E 37 5.75 8.48 -31.02
C ASP E 37 6.63 9.59 -30.43
N TYR E 38 7.76 9.21 -29.84
CA TYR E 38 8.64 10.17 -29.17
C TYR E 38 9.44 11.07 -30.13
N LEU E 39 9.99 10.48 -31.20
CA LEU E 39 11.09 11.10 -31.94
C LEU E 39 10.66 11.82 -33.22
N THR E 40 11.01 13.11 -33.31
CA THR E 40 10.79 13.89 -34.53
C THR E 40 12.00 13.80 -35.45
N SER E 41 13.19 13.61 -34.86
CA SER E 41 14.40 13.40 -35.63
C SER E 41 14.38 12.02 -36.29
N GLU E 42 15.15 11.86 -37.36
CA GLU E 42 15.20 10.59 -38.07
C GLU E 42 16.05 9.57 -37.32
N TRP E 43 15.55 8.34 -37.24
CA TRP E 43 16.29 7.27 -36.56
C TRP E 43 16.10 5.94 -37.27
N GLU E 44 17.02 5.01 -37.03
CA GLU E 44 17.01 3.71 -37.68
C GLU E 44 17.00 2.59 -36.65
N PRO E 45 15.96 1.75 -36.67
CA PRO E 45 16.00 0.62 -35.73
C PRO E 45 16.92 -0.49 -36.20
N ILE E 46 17.73 -1.03 -35.30
CA ILE E 46 18.46 -2.28 -35.54
C ILE E 46 17.80 -3.32 -34.65
N TYR E 47 17.10 -4.26 -35.27
CA TYR E 47 16.17 -5.11 -34.53
C TYR E 47 16.55 -6.58 -34.59
N GLN E 48 16.68 -7.23 -33.43
CA GLN E 48 16.93 -8.69 -33.37
C GLN E 48 15.98 -9.39 -32.39
N VAL E 49 15.58 -10.60 -32.72
CA VAL E 49 14.82 -11.50 -31.79
C VAL E 49 15.77 -12.63 -31.44
N ILE E 50 16.03 -12.83 -30.15
CA ILE E 50 16.96 -13.88 -29.74
C ILE E 50 16.38 -14.71 -28.58
N PRO E 51 16.90 -15.94 -28.38
CA PRO E 51 16.43 -16.78 -27.27
C PRO E 51 17.03 -16.32 -25.93
N ASP E 52 16.54 -16.91 -24.84
CA ASP E 52 17.07 -16.65 -23.47
C ASP E 52 18.39 -17.40 -23.27
N GLU E 53 19.41 -16.97 -24.00
CA GLU E 53 20.74 -17.59 -23.94
C GLU E 53 21.70 -16.46 -23.67
N GLN E 54 22.31 -16.46 -22.48
CA GLN E 54 23.14 -15.33 -22.05
C GLN E 54 24.24 -14.99 -23.08
N ASP E 55 24.95 -16.02 -23.54
CA ASP E 55 26.03 -15.80 -24.53
C ASP E 55 25.51 -15.08 -25.78
N VAL E 56 24.32 -15.45 -26.23
CA VAL E 56 23.73 -14.86 -27.44
C VAL E 56 23.35 -13.40 -27.17
N ILE E 57 22.76 -13.15 -26.00
CA ILE E 57 22.37 -11.77 -25.65
C ILE E 57 23.62 -10.91 -25.61
N GLU E 58 24.66 -11.39 -24.92
CA GLU E 58 25.95 -10.67 -24.88
C GLU E 58 26.49 -10.32 -26.27
N THR E 59 26.54 -11.33 -27.16
CA THR E 59 27.06 -11.17 -28.51
C THR E 59 26.27 -10.11 -29.30
N THR E 60 24.95 -10.15 -29.16
CA THR E 60 24.02 -9.27 -29.86
C THR E 60 24.22 -7.82 -29.44
N LEU E 61 24.27 -7.59 -28.12
CA LEU E 61 24.51 -6.27 -27.57
C LEU E 61 25.88 -5.71 -27.98
N ILE E 62 26.91 -6.55 -27.94
CA ILE E 62 28.26 -6.11 -28.28
C ILE E 62 28.31 -5.69 -29.75
N LYS E 63 27.74 -6.52 -30.61
CA LYS E 63 27.65 -6.17 -32.03
C LYS E 63 26.91 -4.84 -32.27
N MSE E 64 25.75 -4.66 -31.64
CA MSE E 64 25.01 -3.41 -31.80
C MSE E 64 25.78 -2.17 -31.35
O MSE E 64 25.74 -1.13 -32.02
CB MSE E 64 23.66 -3.47 -31.07
CG MSE E 64 22.67 -4.36 -31.75
SE MSE E 64 21.04 -4.54 -30.68
CE MSE E 64 20.05 -5.57 -32.01
N ALA E 65 26.48 -2.28 -30.23
CA ALA E 65 27.22 -1.14 -29.69
C ALA E 65 28.54 -0.89 -30.41
N ASP E 66 29.30 -1.96 -30.64
CA ASP E 66 30.67 -1.82 -31.16
C ASP E 66 30.73 -1.63 -32.67
N GLU E 67 29.88 -2.36 -33.38
CA GLU E 67 29.97 -2.45 -34.84
C GLU E 67 28.86 -1.69 -35.55
N GLN E 68 27.70 -1.56 -34.90
CA GLN E 68 26.53 -0.98 -35.55
C GLN E 68 26.18 0.41 -35.04
N ASP E 69 27.03 0.90 -34.14
CA ASP E 69 26.97 2.28 -33.63
C ASP E 69 25.58 2.66 -33.07
N CYS E 70 24.97 1.76 -32.31
CA CYS E 70 23.71 2.07 -31.66
C CYS E 70 23.97 2.95 -30.44
N CYS E 71 23.45 4.17 -30.48
CA CYS E 71 23.59 5.14 -29.38
C CYS E 71 22.77 4.70 -28.15
N LEU E 72 21.66 4.01 -28.42
CA LEU E 72 20.80 3.43 -27.40
C LEU E 72 20.44 2.03 -27.84
N ILE E 73 20.42 1.11 -26.88
CA ILE E 73 19.96 -0.25 -27.12
C ILE E 73 18.97 -0.61 -26.03
N VAL E 74 17.79 -1.04 -26.43
CA VAL E 74 16.79 -1.46 -25.45
C VAL E 74 16.45 -2.92 -25.64
N THR E 75 16.37 -3.63 -24.52
CA THR E 75 16.02 -5.04 -24.55
C THR E 75 14.63 -5.23 -23.94
N THR E 76 13.96 -6.30 -24.33
CA THR E 76 12.68 -6.63 -23.68
C THR E 76 12.64 -8.12 -23.42
N GLY E 77 12.32 -8.48 -22.18
CA GLY E 77 12.21 -9.88 -21.76
C GLY E 77 13.40 -10.38 -20.95
N GLY E 78 13.15 -11.42 -20.15
CA GLY E 78 14.19 -12.15 -19.42
C GLY E 78 14.79 -11.41 -18.24
N THR E 79 13.97 -10.67 -17.48
CA THR E 79 14.49 -9.86 -16.38
C THR E 79 13.94 -10.23 -15.01
N GLY E 80 13.18 -11.33 -14.94
CA GLY E 80 12.60 -11.79 -13.66
C GLY E 80 13.45 -12.82 -12.93
N PRO E 81 12.88 -13.48 -11.90
CA PRO E 81 13.62 -14.46 -11.11
C PRO E 81 13.69 -15.85 -11.73
N ALA E 82 12.94 -16.10 -12.79
CA ALA E 82 12.93 -17.43 -13.41
C ALA E 82 14.35 -17.82 -13.84
N LYS E 83 14.62 -19.13 -13.83
CA LYS E 83 15.95 -19.69 -14.09
C LYS E 83 16.49 -19.22 -15.44
N ARG E 84 15.64 -19.15 -16.46
CA ARG E 84 16.14 -18.79 -17.80
C ARG E 84 16.19 -17.27 -18.06
N ASP E 85 15.77 -16.46 -17.09
CA ASP E 85 15.79 -15.00 -17.25
C ASP E 85 17.20 -14.50 -17.01
N VAL E 86 17.94 -14.25 -18.08
CA VAL E 86 19.36 -13.93 -17.95
C VAL E 86 19.75 -12.62 -18.63
N THR E 87 18.77 -11.80 -18.99
CA THR E 87 19.08 -10.54 -19.69
C THR E 87 19.90 -9.55 -18.83
N PRO E 88 19.54 -9.39 -17.53
CA PRO E 88 20.37 -8.43 -16.74
C PRO E 88 21.82 -8.86 -16.62
N GLU E 89 22.06 -10.16 -16.43
CA GLU E 89 23.43 -10.70 -16.36
C GLU E 89 24.23 -10.41 -17.63
N ALA E 90 23.58 -10.64 -18.79
CA ALA E 90 24.20 -10.34 -20.07
C ALA E 90 24.53 -8.85 -20.19
N THR E 91 23.62 -8.02 -19.69
CA THR E 91 23.81 -6.58 -19.73
C THR E 91 24.96 -6.17 -18.85
N GLU E 92 25.01 -6.72 -17.64
CA GLU E 92 26.09 -6.39 -16.70
C GLU E 92 27.42 -6.86 -17.29
N ALA E 93 27.38 -7.97 -18.02
CA ALA E 93 28.60 -8.55 -18.57
C ALA E 93 29.23 -7.68 -19.64
N VAL E 94 28.41 -7.00 -20.43
CA VAL E 94 28.93 -6.25 -21.57
C VAL E 94 29.15 -4.76 -21.25
N CYS E 95 28.56 -4.25 -20.18
CA CYS E 95 28.71 -2.84 -19.81
C CYS E 95 29.84 -2.61 -18.81
N ASP E 96 30.69 -1.63 -19.09
CA ASP E 96 31.80 -1.25 -18.20
C ASP E 96 31.36 -0.34 -17.03
N ARG E 97 30.24 0.38 -17.20
CA ARG E 97 29.82 1.41 -16.25
C ARG E 97 28.32 1.29 -16.11
N MSE E 98 27.85 0.89 -14.93
CA MSE E 98 26.40 0.71 -14.75
C MSE E 98 25.73 2.04 -14.40
O MSE E 98 26.39 2.98 -13.92
CB MSE E 98 26.09 -0.33 -13.66
CG MSE E 98 26.78 -1.68 -13.88
SE MSE E 98 26.36 -2.40 -15.65
CE MSE E 98 24.44 -2.72 -15.38
N MSE E 99 24.43 2.10 -14.68
CA MSE E 99 23.59 3.28 -14.49
C MSE E 99 22.47 2.94 -13.51
O MSE E 99 21.32 2.76 -13.93
CB MSE E 99 23.00 3.70 -15.85
CG MSE E 99 24.05 4.14 -16.87
SE MSE E 99 24.93 5.87 -16.45
CE MSE E 99 23.40 7.02 -16.72
N PRO E 100 22.77 2.88 -12.20
CA PRO E 100 21.84 2.39 -11.18
C PRO E 100 20.51 3.18 -11.07
N GLY E 101 20.51 4.44 -11.51
CA GLY E 101 19.30 5.30 -11.45
C GLY E 101 18.13 4.77 -12.27
N PHE E 102 18.46 4.08 -13.36
CA PHE E 102 17.44 3.52 -14.27
C PHE E 102 16.63 2.41 -13.62
N GLY E 103 17.29 1.36 -13.15
CA GLY E 103 16.58 0.28 -12.46
C GLY E 103 15.76 0.77 -11.28
N GLU E 104 16.32 1.69 -10.51
CA GLU E 104 15.65 2.26 -9.35
C GLU E 104 14.31 2.90 -9.77
N LEU E 105 14.36 3.76 -10.77
CA LEU E 105 13.17 4.46 -11.20
C LEU E 105 12.13 3.52 -11.83
N MSE E 106 12.58 2.64 -12.71
CA MSE E 106 11.66 1.71 -13.38
C MSE E 106 10.92 0.82 -12.38
O MSE E 106 9.71 0.58 -12.52
CB MSE E 106 12.40 0.87 -14.43
CG MSE E 106 12.92 1.72 -15.61
SE MSE E 106 13.76 0.66 -17.02
CE MSE E 106 15.31 -0.05 -16.18
N ARG E 107 11.61 0.35 -11.34
CA ARG E 107 10.96 -0.42 -10.28
C ARG E 107 10.01 0.44 -9.44
N ALA E 108 10.44 1.65 -9.07
CA ALA E 108 9.59 2.59 -8.30
C ALA E 108 8.24 2.87 -9.00
N GLU E 109 8.29 3.13 -10.29
CA GLU E 109 7.10 3.42 -11.08
C GLU E 109 6.22 2.19 -11.19
N SER E 110 6.83 1.06 -11.48
CA SER E 110 6.10 -0.20 -11.53
C SER E 110 5.44 -0.54 -10.20
N LEU E 111 6.14 -0.20 -9.09
CA LEU E 111 5.65 -0.46 -7.74
C LEU E 111 4.37 0.30 -7.37
N LYS E 112 4.09 1.38 -8.09
CA LYS E 112 2.82 2.07 -7.89
C LYS E 112 1.66 1.15 -8.28
N PHE E 113 1.91 0.24 -9.20
CA PHE E 113 0.85 -0.66 -9.67
C PHE E 113 0.83 -2.01 -8.97
N VAL E 114 1.99 -2.67 -8.90
CA VAL E 114 2.07 -4.08 -8.50
C VAL E 114 3.19 -4.31 -7.48
N PRO E 115 2.92 -5.03 -6.38
CA PRO E 115 3.99 -5.23 -5.40
C PRO E 115 5.10 -6.15 -5.90
N THR E 116 4.81 -6.94 -6.94
CA THR E 116 5.84 -7.78 -7.56
C THR E 116 6.86 -7.01 -8.41
N ALA E 117 6.70 -5.70 -8.47
CA ALA E 117 7.69 -4.84 -9.09
C ALA E 117 9.09 -5.12 -8.56
N ILE E 118 9.21 -5.45 -7.28
CA ILE E 118 10.52 -5.69 -6.65
C ILE E 118 11.19 -6.99 -7.14
N LEU E 119 10.46 -7.79 -7.91
CA LEU E 119 11.03 -9.01 -8.49
C LEU E 119 11.82 -8.73 -9.77
N SER E 120 11.66 -7.52 -10.33
CA SER E 120 12.38 -7.16 -11.55
C SER E 120 13.88 -6.91 -11.33
N ARG E 121 14.68 -7.52 -12.19
CA ARG E 121 16.13 -7.33 -12.11
C ARG E 121 16.62 -6.46 -13.27
N GLN E 122 15.68 -5.76 -13.90
CA GLN E 122 15.99 -4.80 -14.97
C GLN E 122 17.12 -3.86 -14.55
N THR E 123 18.06 -3.66 -15.46
CA THR E 123 19.16 -2.76 -15.20
C THR E 123 19.49 -1.91 -16.44
N ALA E 124 20.54 -1.09 -16.32
CA ALA E 124 21.02 -0.30 -17.43
C ALA E 124 22.49 0.03 -17.21
N GLY E 125 23.17 0.32 -18.32
CA GLY E 125 24.60 0.57 -18.26
C GLY E 125 25.10 1.12 -19.57
N LEU E 126 26.38 1.43 -19.58
CA LEU E 126 27.06 1.98 -20.74
C LEU E 126 28.08 0.96 -21.20
N ARG E 127 28.09 0.70 -22.50
CA ARG E 127 29.21 0.05 -23.13
C ARG E 127 29.82 1.08 -24.06
N GLY E 128 30.95 1.66 -23.66
CA GLY E 128 31.58 2.70 -24.45
C GLY E 128 30.62 3.86 -24.48
N ASP E 129 30.27 4.33 -25.68
CA ASP E 129 29.31 5.43 -25.81
C ASP E 129 27.84 5.02 -25.96
N SER E 130 27.53 3.73 -25.86
CA SER E 130 26.16 3.22 -26.02
C SER E 130 25.46 3.01 -24.67
N LEU E 131 24.26 3.55 -24.51
CA LEU E 131 23.42 3.26 -23.34
C LEU E 131 22.57 2.02 -23.63
N ILE E 132 22.56 1.06 -22.71
CA ILE E 132 21.76 -0.15 -22.81
C ILE E 132 20.76 -0.18 -21.64
N VAL E 133 19.48 -0.30 -21.93
CA VAL E 133 18.41 -0.28 -20.92
C VAL E 133 17.51 -1.53 -21.05
N ASN E 134 17.30 -2.22 -19.94
CA ASN E 134 16.42 -3.40 -19.93
C ASN E 134 15.00 -2.94 -19.65
N LEU E 135 14.10 -3.28 -20.57
CA LEU E 135 12.67 -3.01 -20.42
C LEU E 135 11.89 -4.26 -20.05
N PRO E 136 10.67 -4.11 -19.53
CA PRO E 136 9.86 -5.27 -19.27
C PRO E 136 9.24 -5.86 -20.56
N GLY E 137 8.33 -6.83 -20.41
CA GLY E 137 7.73 -7.55 -21.55
C GLY E 137 6.39 -7.03 -22.07
N LYS E 138 5.47 -6.67 -21.17
CA LYS E 138 4.17 -6.15 -21.57
C LYS E 138 4.23 -4.79 -22.28
N PRO E 139 3.56 -4.67 -23.46
CA PRO E 139 3.51 -3.37 -24.14
C PRO E 139 3.09 -2.22 -23.23
N LYS E 140 2.06 -2.42 -22.40
CA LYS E 140 1.65 -1.40 -21.43
C LYS E 140 2.84 -0.99 -20.56
N SER E 141 3.53 -1.99 -20.02
CA SER E 141 4.67 -1.75 -19.14
C SER E 141 5.84 -1.11 -19.85
N ILE E 142 6.07 -1.52 -21.09
CA ILE E 142 7.13 -0.93 -21.90
C ILE E 142 6.93 0.58 -22.04
N ARG E 143 5.72 0.99 -22.44
CA ARG E 143 5.42 2.41 -22.58
C ARG E 143 5.58 3.15 -21.25
N GLU E 144 5.07 2.55 -20.17
CA GLU E 144 5.16 3.19 -18.86
C GLU E 144 6.61 3.36 -18.42
N CYS E 145 7.37 2.31 -18.66
N CYS E 145 7.41 2.30 -18.63
CA CYS E 145 8.79 2.30 -18.38
CA CYS E 145 8.85 2.37 -18.33
C CYS E 145 9.56 3.40 -19.13
C CYS E 145 9.58 3.43 -19.14
N LEU E 146 9.42 3.41 -20.45
CA LEU E 146 10.00 4.43 -21.32
C LEU E 146 9.53 5.85 -20.99
N ASP E 147 8.25 6.03 -20.67
CA ASP E 147 7.76 7.35 -20.28
C ASP E 147 8.54 7.90 -19.07
N ALA E 148 8.92 7.02 -18.17
CA ALA E 148 9.63 7.43 -16.96
C ALA E 148 11.10 7.76 -17.23
N VAL E 149 11.77 6.93 -18.03
CA VAL E 149 13.22 7.07 -18.21
C VAL E 149 13.68 7.81 -19.48
N PHE E 150 12.87 7.76 -20.54
CA PHE E 150 13.27 8.43 -21.78
C PHE E 150 13.54 9.93 -21.63
N PRO E 151 12.82 10.63 -20.73
CA PRO E 151 13.16 12.07 -20.63
C PRO E 151 14.63 12.37 -20.29
N ALA E 152 15.36 11.39 -19.74
CA ALA E 152 16.79 11.58 -19.42
C ALA E 152 17.71 11.11 -20.54
N ILE E 153 17.16 10.38 -21.51
CA ILE E 153 17.99 9.69 -22.51
C ILE E 153 18.64 10.61 -23.57
N PRO E 154 17.87 11.54 -24.18
CA PRO E 154 18.55 12.39 -25.16
C PRO E 154 19.74 13.14 -24.57
N TYR E 155 19.58 13.71 -23.38
CA TYR E 155 20.72 14.35 -22.71
C TYR E 155 21.88 13.37 -22.45
N CYS E 156 21.57 12.17 -21.98
CA CYS E 156 22.63 11.17 -21.76
C CYS E 156 23.43 10.93 -23.06
N ILE E 157 22.74 10.83 -24.18
CA ILE E 157 23.41 10.59 -25.46
C ILE E 157 24.27 11.79 -25.90
N ASP E 158 23.76 13.01 -25.66
CA ASP E 158 24.56 14.23 -25.88
C ASP E 158 25.89 14.13 -25.15
N LEU E 159 25.85 13.71 -23.88
CA LEU E 159 27.05 13.62 -23.04
C LEU E 159 28.03 12.53 -23.49
N MSE E 160 27.52 11.51 -24.20
N MSE E 160 27.52 11.52 -24.20
CA MSE E 160 28.34 10.46 -24.82
CA MSE E 160 28.35 10.48 -24.80
C MSE E 160 28.84 10.86 -26.21
C MSE E 160 28.72 10.83 -26.24
O MSE E 160 29.44 10.04 -26.91
O MSE E 160 29.15 9.95 -27.00
CB MSE E 160 27.55 9.17 -24.97
CB MSE E 160 27.62 9.14 -24.78
CG MSE E 160 26.82 8.72 -23.74
CG MSE E 160 26.81 8.93 -23.51
SE MSE E 160 27.93 8.79 -22.15
SE MSE E 160 26.76 7.06 -23.01
CE MSE E 160 29.45 7.69 -22.70
CE MSE E 160 28.64 6.89 -22.52
N GLU E 161 28.56 12.11 -26.60
CA GLU E 161 28.92 12.65 -27.93
C GLU E 161 28.23 11.92 -29.09
N GLY E 162 26.97 11.55 -28.87
CA GLY E 162 26.17 10.88 -29.86
C GLY E 162 25.26 11.84 -30.62
N PRO E 163 24.37 11.29 -31.48
CA PRO E 163 23.39 12.06 -32.22
C PRO E 163 22.47 12.84 -31.30
N TYR E 164 22.03 14.01 -31.77
CA TYR E 164 21.09 14.86 -31.04
C TYR E 164 19.66 14.42 -31.34
N LEU E 165 19.05 13.73 -30.38
CA LEU E 165 17.66 13.28 -30.53
C LEU E 165 16.67 14.42 -30.27
N GLU E 166 15.69 14.54 -31.15
CA GLU E 166 14.66 15.55 -31.02
C GLU E 166 13.31 14.90 -30.85
N CYS E 167 12.51 15.44 -29.95
CA CYS E 167 11.25 14.81 -29.55
C CYS E 167 10.01 15.64 -29.86
N ASN E 168 8.88 14.96 -30.00
CA ASN E 168 7.58 15.60 -30.07
C ASN E 168 7.20 16.02 -28.67
N GLU E 169 7.35 17.30 -28.36
CA GLU E 169 7.17 17.82 -27.00
C GLU E 169 5.73 17.74 -26.47
N ALA E 170 4.76 17.54 -27.38
CA ALA E 170 3.37 17.26 -27.00
C ALA E 170 3.15 15.79 -26.63
N VAL E 171 4.19 14.97 -26.80
CA VAL E 171 4.15 13.56 -26.42
C VAL E 171 5.10 13.31 -25.25
N ILE E 172 6.34 13.81 -25.35
CA ILE E 172 7.36 13.65 -24.32
C ILE E 172 8.31 14.84 -24.30
N LYS E 173 8.73 15.25 -23.11
CA LYS E 173 9.65 16.39 -22.99
C LYS E 173 10.99 16.03 -22.33
N PRO E 174 12.02 15.79 -23.17
CA PRO E 174 13.34 15.43 -22.66
C PRO E 174 13.98 16.65 -21.99
N PHE E 175 14.67 16.43 -20.88
CA PHE E 175 15.34 17.56 -20.22
C PHE E 175 16.79 17.67 -20.69
N ARG E 176 17.21 18.88 -21.03
CA ARG E 176 18.60 19.15 -21.41
C ARG E 176 19.15 20.39 -20.70
N ALA F 7 -19.26 7.79 -24.72
CA ALA F 7 -19.78 7.21 -23.44
C ALA F 7 -20.20 5.74 -23.58
N LYS F 8 -19.60 4.88 -22.76
CA LYS F 8 -19.94 3.46 -22.77
C LYS F 8 -20.43 3.03 -21.39
N ILE F 9 -21.64 2.47 -21.35
CA ILE F 9 -22.24 2.05 -20.11
C ILE F 9 -22.50 0.56 -20.14
N GLY F 10 -22.03 -0.13 -19.11
CA GLY F 10 -22.19 -1.56 -19.04
C GLY F 10 -23.46 -1.98 -18.34
N ILE F 11 -24.09 -3.04 -18.84
CA ILE F 11 -25.28 -3.59 -18.20
C ILE F 11 -25.15 -5.11 -18.05
N VAL F 12 -25.11 -5.58 -16.81
CA VAL F 12 -24.96 -7.01 -16.53
C VAL F 12 -26.19 -7.56 -15.84
N THR F 13 -26.86 -8.50 -16.48
CA THR F 13 -27.95 -9.21 -15.84
C THR F 13 -27.40 -10.51 -15.29
N VAL F 14 -27.60 -10.72 -14.00
CA VAL F 14 -27.11 -11.91 -13.32
C VAL F 14 -28.28 -12.79 -12.92
N SER F 15 -28.36 -13.97 -13.52
CA SER F 15 -29.44 -14.91 -13.27
C SER F 15 -29.17 -16.25 -13.93
N ASP F 16 -29.26 -17.33 -13.15
CA ASP F 16 -29.20 -18.70 -13.68
C ASP F 16 -30.27 -18.93 -14.75
N ARG F 17 -31.52 -18.54 -14.43
CA ARG F 17 -32.66 -18.62 -15.35
C ARG F 17 -32.37 -17.94 -16.70
N ALA F 18 -31.92 -16.69 -16.63
CA ALA F 18 -31.78 -15.82 -17.81
C ALA F 18 -30.77 -16.29 -18.84
N SER F 19 -29.61 -16.75 -18.36
CA SER F 19 -28.53 -17.18 -19.25
C SER F 19 -28.85 -18.53 -19.89
N ALA F 20 -29.59 -19.36 -19.16
CA ALA F 20 -30.10 -20.64 -19.68
C ALA F 20 -31.11 -20.43 -20.81
N GLY F 21 -31.83 -19.31 -20.79
CA GLY F 21 -32.84 -19.03 -21.82
C GLY F 21 -34.20 -18.70 -21.24
N ILE F 22 -34.50 -17.40 -21.18
CA ILE F 22 -35.84 -16.92 -20.81
C ILE F 22 -36.40 -16.13 -21.96
N TYR F 23 -37.72 -15.88 -21.92
CA TYR F 23 -38.42 -15.14 -22.97
C TYR F 23 -37.83 -13.74 -23.20
N GLU F 24 -37.70 -12.98 -22.11
CA GLU F 24 -37.12 -11.65 -22.17
C GLU F 24 -36.42 -11.33 -20.87
N ASP F 25 -35.50 -10.39 -20.91
CA ASP F 25 -34.82 -9.93 -19.71
C ASP F 25 -35.39 -8.58 -19.29
N ILE F 26 -36.40 -8.59 -18.43
CA ILE F 26 -37.05 -7.33 -18.02
C ILE F 26 -36.16 -6.49 -17.12
N SER F 27 -35.25 -7.13 -16.39
CA SER F 27 -34.34 -6.38 -15.51
C SER F 27 -33.37 -5.56 -16.35
N GLY F 28 -32.69 -6.22 -17.29
CA GLY F 28 -31.80 -5.54 -18.22
C GLY F 28 -32.52 -4.46 -19.01
N LYS F 29 -33.74 -4.76 -19.46
CA LYS F 29 -34.59 -3.81 -20.17
C LYS F 29 -34.88 -2.55 -19.34
N ALA F 30 -35.18 -2.75 -18.06
CA ALA F 30 -35.48 -1.67 -17.14
C ALA F 30 -34.32 -0.71 -17.01
N ILE F 31 -33.10 -1.27 -16.97
CA ILE F 31 -31.88 -0.48 -16.95
C ILE F 31 -31.75 0.36 -18.23
N ILE F 32 -31.96 -0.29 -19.39
CA ILE F 32 -31.92 0.40 -20.69
C ILE F 32 -32.95 1.53 -20.79
N ASP F 33 -34.19 1.22 -20.43
CA ASP F 33 -35.30 2.17 -20.50
C ASP F 33 -35.12 3.39 -19.59
N THR F 34 -34.48 3.18 -18.45
CA THR F 34 -34.22 4.26 -17.50
C THR F 34 -33.11 5.17 -17.99
N LEU F 35 -32.00 4.58 -18.45
CA LEU F 35 -30.83 5.31 -18.92
C LEU F 35 -31.13 6.08 -20.21
N ASN F 36 -32.08 5.58 -21.00
CA ASN F 36 -32.59 6.28 -22.17
C ASN F 36 -33.42 7.51 -21.82
N ASP F 37 -34.17 7.43 -20.71
CA ASP F 37 -34.96 8.57 -20.22
C ASP F 37 -34.05 9.65 -19.67
N TYR F 38 -32.96 9.22 -19.01
CA TYR F 38 -32.02 10.12 -18.33
C TYR F 38 -31.18 10.96 -19.28
N LEU F 39 -30.58 10.27 -20.26
CA LEU F 39 -29.50 10.86 -21.05
C LEU F 39 -29.95 11.53 -22.35
N THR F 40 -29.42 12.74 -22.56
CA THR F 40 -29.60 13.43 -23.84
C THR F 40 -28.35 13.23 -24.71
N SER F 41 -27.21 13.02 -24.06
CA SER F 41 -25.95 12.71 -24.76
C SER F 41 -25.98 11.29 -25.33
N GLU F 42 -25.22 11.07 -26.40
CA GLU F 42 -25.14 9.74 -27.01
C GLU F 42 -24.35 8.76 -26.12
N TRP F 43 -24.73 7.48 -26.18
CA TRP F 43 -24.10 6.44 -25.37
C TRP F 43 -24.25 5.01 -25.91
N GLU F 44 -23.22 4.20 -25.67
CA GLU F 44 -23.17 2.79 -26.08
C GLU F 44 -23.41 1.89 -24.86
N PRO F 45 -24.45 1.04 -24.91
CA PRO F 45 -24.67 0.07 -23.84
C PRO F 45 -24.00 -1.29 -24.13
N ILE F 46 -23.19 -1.76 -23.16
CA ILE F 46 -22.49 -3.04 -23.31
C ILE F 46 -23.16 -4.09 -22.39
N TYR F 47 -23.85 -5.05 -23.02
CA TYR F 47 -24.79 -5.93 -22.31
C TYR F 47 -24.36 -7.39 -22.29
N GLN F 48 -24.41 -8.00 -21.11
CA GLN F 48 -24.13 -9.43 -20.97
C GLN F 48 -25.12 -10.09 -20.00
N VAL F 49 -25.61 -11.28 -20.39
CA VAL F 49 -26.49 -12.06 -19.51
C VAL F 49 -25.70 -13.24 -19.00
N ILE F 50 -25.60 -13.37 -17.67
CA ILE F 50 -24.75 -14.40 -17.10
C ILE F 50 -25.38 -15.17 -15.94
N PRO F 51 -24.93 -16.42 -15.72
CA PRO F 51 -25.41 -17.18 -14.57
C PRO F 51 -24.85 -16.69 -13.23
N ASP F 52 -25.49 -17.10 -12.14
CA ASP F 52 -25.04 -16.83 -10.77
C ASP F 52 -23.72 -17.57 -10.49
N GLU F 53 -22.69 -17.22 -11.26
CA GLU F 53 -21.39 -17.85 -11.15
C GLU F 53 -20.37 -16.77 -10.93
N GLN F 54 -19.78 -16.74 -9.73
CA GLN F 54 -18.91 -15.65 -9.32
C GLN F 54 -17.78 -15.35 -10.32
N ASP F 55 -17.04 -16.39 -10.72
CA ASP F 55 -15.98 -16.27 -11.72
C ASP F 55 -16.44 -15.53 -12.99
N VAL F 56 -17.62 -15.93 -13.48
CA VAL F 56 -18.17 -15.34 -14.69
C VAL F 56 -18.52 -13.87 -14.46
N ILE F 57 -19.18 -13.55 -13.34
CA ILE F 57 -19.47 -12.15 -13.01
C ILE F 57 -18.19 -11.33 -13.00
N GLU F 58 -17.16 -11.83 -12.34
CA GLU F 58 -15.89 -11.08 -12.24
C GLU F 58 -15.27 -10.82 -13.62
N THR F 59 -15.16 -11.86 -14.44
CA THR F 59 -14.67 -11.74 -15.82
C THR F 59 -15.47 -10.71 -16.62
N THR F 60 -16.79 -10.79 -16.52
CA THR F 60 -17.66 -9.87 -17.23
C THR F 60 -17.36 -8.41 -16.87
N LEU F 61 -17.39 -8.12 -15.56
CA LEU F 61 -17.10 -6.77 -15.05
C LEU F 61 -15.73 -6.22 -15.49
N ILE F 62 -14.70 -7.07 -15.38
CA ILE F 62 -13.33 -6.68 -15.73
C ILE F 62 -13.22 -6.29 -17.20
N LYS F 63 -13.82 -7.09 -18.08
CA LYS F 63 -13.82 -6.82 -19.52
C LYS F 63 -14.45 -5.45 -19.87
N MSE F 64 -15.65 -5.18 -19.34
CA MSE F 64 -16.32 -3.89 -19.61
C MSE F 64 -15.54 -2.70 -19.04
O MSE F 64 -15.49 -1.63 -19.64
CB MSE F 64 -17.73 -3.90 -19.04
CG MSE F 64 -18.67 -4.88 -19.69
SE MSE F 64 -20.00 -5.33 -18.36
CE MSE F 64 -21.32 -4.01 -18.72
N ALA F 65 -14.92 -2.90 -17.87
CA ALA F 65 -14.10 -1.87 -17.24
C ALA F 65 -12.81 -1.57 -18.03
N ASP F 66 -12.05 -2.62 -18.34
CA ASP F 66 -10.68 -2.46 -18.85
C ASP F 66 -10.62 -2.32 -20.38
N GLU F 67 -11.27 -3.25 -21.08
CA GLU F 67 -11.15 -3.35 -22.54
C GLU F 67 -12.17 -2.49 -23.30
N GLN F 68 -13.36 -2.32 -22.72
CA GLN F 68 -14.48 -1.72 -23.44
C GLN F 68 -14.80 -0.29 -22.99
N ASP F 69 -13.96 0.20 -22.01
CA ASP F 69 -14.04 1.58 -21.52
C ASP F 69 -15.41 2.03 -21.00
N CYS F 70 -16.05 1.20 -20.18
CA CYS F 70 -17.34 1.59 -19.58
C CYS F 70 -17.12 2.50 -18.36
N CYS F 71 -17.52 3.77 -18.46
CA CYS F 71 -17.42 4.73 -17.34
C CYS F 71 -18.32 4.36 -16.17
N LEU F 72 -19.45 3.73 -16.51
CA LEU F 72 -20.43 3.22 -15.54
C LEU F 72 -20.84 1.80 -15.91
N ILE F 73 -20.93 0.94 -14.92
CA ILE F 73 -21.43 -0.42 -15.10
C ILE F 73 -22.48 -0.68 -14.04
N VAL F 74 -23.63 -1.21 -14.47
CA VAL F 74 -24.71 -1.50 -13.54
C VAL F 74 -25.06 -2.97 -13.66
N THR F 75 -25.24 -3.63 -12.51
CA THR F 75 -25.56 -5.04 -12.46
C THR F 75 -26.98 -5.18 -11.92
N THR F 76 -27.65 -6.26 -12.27
CA THR F 76 -28.95 -6.56 -11.70
C THR F 76 -29.03 -8.04 -11.39
N GLY F 77 -29.51 -8.34 -10.18
CA GLY F 77 -29.67 -9.73 -9.74
C GLY F 77 -28.60 -10.17 -8.78
N GLY F 78 -28.95 -11.17 -7.96
CA GLY F 78 -28.02 -11.87 -7.10
C GLY F 78 -27.47 -11.07 -5.94
N THR F 79 -28.32 -10.30 -5.27
CA THR F 79 -27.85 -9.43 -4.17
C THR F 79 -28.55 -9.67 -2.84
N GLY F 80 -29.33 -10.75 -2.75
CA GLY F 80 -30.07 -11.05 -1.53
C GLY F 80 -29.29 -12.01 -0.64
N PRO F 81 -29.95 -12.49 0.43
CA PRO F 81 -29.33 -13.42 1.37
C PRO F 81 -29.16 -14.86 0.88
N ALA F 82 -29.84 -15.23 -0.20
CA ALA F 82 -29.74 -16.62 -0.69
C ALA F 82 -28.28 -17.02 -0.95
N LYS F 83 -27.96 -18.29 -0.67
CA LYS F 83 -26.57 -18.80 -0.81
C LYS F 83 -26.00 -18.56 -2.21
N ARG F 84 -26.89 -18.60 -3.21
CA ARG F 84 -26.54 -18.51 -4.63
C ARG F 84 -26.24 -17.07 -5.06
N ASP F 85 -26.79 -16.09 -4.33
CA ASP F 85 -26.60 -14.67 -4.68
C ASP F 85 -25.17 -14.19 -4.39
N VAL F 86 -24.36 -14.09 -5.44
CA VAL F 86 -22.92 -13.81 -5.33
C VAL F 86 -22.44 -12.56 -6.09
N THR F 87 -23.37 -11.72 -6.53
CA THR F 87 -22.99 -10.48 -7.22
C THR F 87 -22.16 -9.51 -6.37
N PRO F 88 -22.52 -9.32 -5.08
CA PRO F 88 -21.71 -8.38 -4.30
C PRO F 88 -20.26 -8.86 -4.09
N GLU F 89 -20.07 -10.16 -3.93
CA GLU F 89 -18.74 -10.75 -3.78
C GLU F 89 -17.88 -10.51 -5.02
N ALA F 90 -18.51 -10.64 -6.19
CA ALA F 90 -17.83 -10.43 -7.46
C ALA F 90 -17.52 -8.95 -7.65
N THR F 91 -18.40 -8.06 -7.18
CA THR F 91 -18.17 -6.61 -7.27
C THR F 91 -16.99 -6.21 -6.41
N GLU F 92 -16.99 -6.70 -5.18
CA GLU F 92 -15.91 -6.42 -4.23
C GLU F 92 -14.58 -6.97 -4.74
N ALA F 93 -14.62 -8.13 -5.38
CA ALA F 93 -13.41 -8.77 -5.89
C ALA F 93 -12.76 -7.95 -7.01
N VAL F 94 -13.62 -7.32 -7.82
CA VAL F 94 -13.21 -6.64 -9.04
C VAL F 94 -12.80 -5.19 -8.75
N CYS F 95 -13.39 -4.59 -7.72
CA CYS F 95 -13.11 -3.20 -7.40
C CYS F 95 -11.91 -3.04 -6.49
N ASP F 96 -11.12 -1.98 -6.75
CA ASP F 96 -10.00 -1.64 -5.88
C ASP F 96 -10.43 -0.74 -4.73
N ARG F 97 -11.51 0.01 -4.91
CA ARG F 97 -12.02 0.86 -3.83
C ARG F 97 -13.54 0.96 -3.85
N MSE F 98 -14.14 0.71 -2.69
CA MSE F 98 -15.59 0.66 -2.56
C MSE F 98 -16.14 2.06 -2.30
O MSE F 98 -15.41 2.95 -1.84
CB MSE F 98 -16.01 -0.31 -1.45
CG MSE F 98 -15.43 -1.73 -1.62
SE MSE F 98 -15.69 -2.47 -3.42
CE MSE F 98 -17.62 -2.82 -3.38
N MSE F 99 -17.40 2.22 -2.66
CA MSE F 99 -18.15 3.47 -2.52
C MSE F 99 -19.29 3.18 -1.56
O MSE F 99 -20.41 2.89 -1.99
CB MSE F 99 -18.70 3.89 -3.88
CG MSE F 99 -17.63 4.20 -4.92
SE MSE F 99 -16.70 5.87 -4.53
CE MSE F 99 -18.06 7.15 -5.14
N PRO F 100 -19.04 3.22 -0.23
CA PRO F 100 -20.03 2.79 0.76
C PRO F 100 -21.31 3.63 0.78
N GLY F 101 -21.21 4.90 0.39
CA GLY F 101 -22.40 5.78 0.30
C GLY F 101 -23.54 5.26 -0.55
N PHE F 102 -23.21 4.51 -1.60
CA PHE F 102 -24.21 3.96 -2.53
C PHE F 102 -25.11 2.90 -1.88
N GLY F 103 -24.51 1.83 -1.39
CA GLY F 103 -25.28 0.81 -0.66
C GLY F 103 -26.13 1.43 0.46
N GLU F 104 -25.55 2.34 1.23
CA GLU F 104 -26.26 3.01 2.31
C GLU F 104 -27.57 3.67 1.84
N LEU F 105 -27.45 4.50 0.81
CA LEU F 105 -28.58 5.23 0.28
C LEU F 105 -29.61 4.31 -0.38
N MSE F 106 -29.15 3.35 -1.16
CA MSE F 106 -30.06 2.44 -1.85
C MSE F 106 -30.92 1.67 -0.85
O MSE F 106 -32.15 1.57 -1.03
CB MSE F 106 -29.32 1.51 -2.82
CG MSE F 106 -28.71 2.24 -4.03
SE MSE F 106 -27.91 1.03 -5.34
CE MSE F 106 -26.44 0.24 -4.33
N ARG F 107 -30.29 1.18 0.22
CA ARG F 107 -31.04 0.54 1.32
C ARG F 107 -31.98 1.49 2.06
N ALA F 108 -31.51 2.72 2.34
CA ALA F 108 -32.33 3.71 3.06
C ALA F 108 -33.62 4.01 2.29
N GLU F 109 -33.50 4.24 0.99
CA GLU F 109 -34.65 4.55 0.15
C GLU F 109 -35.63 3.38 0.07
N SER F 110 -35.11 2.17 -0.03
CA SER F 110 -35.95 0.98 -0.02
C SER F 110 -36.65 0.82 1.35
N LEU F 111 -35.95 1.22 2.43
CA LEU F 111 -36.47 1.07 3.79
C LEU F 111 -37.69 1.96 4.05
N LYS F 112 -37.86 2.99 3.24
CA LYS F 112 -39.04 3.86 3.32
C LYS F 112 -40.34 3.08 3.06
N PHE F 113 -40.22 1.97 2.34
CA PHE F 113 -41.39 1.14 1.97
C PHE F 113 -41.48 -0.16 2.76
N VAL F 114 -40.37 -0.90 2.80
CA VAL F 114 -40.35 -2.29 3.29
C VAL F 114 -39.19 -2.53 4.25
N PRO F 115 -39.47 -3.19 5.39
CA PRO F 115 -38.43 -3.50 6.37
C PRO F 115 -37.38 -4.51 5.88
N THR F 116 -37.71 -5.28 4.85
CA THR F 116 -36.79 -6.26 4.26
C THR F 116 -35.69 -5.61 3.42
N ALA F 117 -35.73 -4.29 3.27
CA ALA F 117 -34.68 -3.54 2.62
C ALA F 117 -33.30 -3.82 3.24
N ILE F 118 -33.27 -4.10 4.55
CA ILE F 118 -31.97 -4.39 5.21
C ILE F 118 -31.37 -5.72 4.80
N LEU F 119 -32.14 -6.55 4.09
CA LEU F 119 -31.62 -7.82 3.56
C LEU F 119 -30.78 -7.69 2.29
N SER F 120 -30.86 -6.53 1.64
CA SER F 120 -30.07 -6.29 0.43
C SER F 120 -28.58 -6.13 0.71
N ARG F 121 -27.79 -6.77 -0.14
CA ARG F 121 -26.34 -6.76 -0.03
C ARG F 121 -25.72 -5.98 -1.21
N GLN F 122 -26.58 -5.26 -1.93
CA GLN F 122 -26.15 -4.36 -3.00
C GLN F 122 -25.00 -3.46 -2.54
N THR F 123 -23.99 -3.35 -3.37
CA THR F 123 -22.86 -2.47 -3.08
C THR F 123 -22.43 -1.73 -4.35
N ALA F 124 -21.30 -1.03 -4.28
CA ALA F 124 -20.84 -0.23 -5.38
C ALA F 124 -19.38 0.05 -5.16
N GLY F 125 -18.66 0.27 -6.25
CA GLY F 125 -17.23 0.50 -6.15
C GLY F 125 -16.64 1.00 -7.44
N LEU F 126 -15.33 1.24 -7.41
CA LEU F 126 -14.60 1.70 -8.56
C LEU F 126 -13.58 0.65 -8.96
N ARG F 127 -13.52 0.34 -10.24
CA ARG F 127 -12.34 -0.31 -10.82
C ARG F 127 -11.75 0.71 -11.79
N GLY F 128 -10.57 1.24 -11.46
CA GLY F 128 -9.96 2.28 -12.28
C GLY F 128 -10.88 3.48 -12.30
N ASP F 129 -11.18 3.97 -13.51
CA ASP F 129 -12.11 5.09 -13.69
C ASP F 129 -13.54 4.65 -14.03
N SER F 130 -13.87 3.42 -13.66
CA SER F 130 -15.23 2.86 -13.85
C SER F 130 -15.96 2.67 -12.53
N LEU F 131 -17.14 3.28 -12.41
CA LEU F 131 -18.01 3.10 -11.26
C LEU F 131 -18.97 1.93 -11.53
N ILE F 132 -18.99 0.96 -10.61
CA ILE F 132 -19.87 -0.22 -10.73
C ILE F 132 -20.91 -0.11 -9.62
N VAL F 133 -22.18 -0.29 -9.97
CA VAL F 133 -23.29 -0.19 -9.00
C VAL F 133 -24.18 -1.43 -9.09
N ASN F 134 -24.41 -2.10 -7.95
CA ASN F 134 -25.36 -3.20 -7.88
C ASN F 134 -26.77 -2.65 -7.73
N LEU F 135 -27.58 -2.91 -8.74
CA LEU F 135 -29.00 -2.59 -8.71
C LEU F 135 -29.84 -3.78 -8.27
N PRO F 136 -31.06 -3.53 -7.81
CA PRO F 136 -31.97 -4.66 -7.54
C PRO F 136 -32.56 -5.28 -8.85
N GLY F 137 -33.55 -6.16 -8.69
CA GLY F 137 -34.09 -6.95 -9.82
C GLY F 137 -35.35 -6.42 -10.48
N LYS F 138 -36.32 -6.03 -9.67
CA LYS F 138 -37.62 -5.53 -10.13
C LYS F 138 -37.46 -4.23 -10.93
N PRO F 139 -38.13 -4.13 -12.10
CA PRO F 139 -38.10 -2.86 -12.86
C PRO F 139 -38.46 -1.61 -12.06
N LYS F 140 -39.51 -1.65 -11.23
CA LYS F 140 -39.88 -0.49 -10.42
C LYS F 140 -38.79 -0.16 -9.40
N SER F 141 -38.17 -1.20 -8.86
CA SER F 141 -37.09 -1.02 -7.88
C SER F 141 -35.84 -0.47 -8.57
N ILE F 142 -35.54 -1.00 -9.75
CA ILE F 142 -34.41 -0.51 -10.56
C ILE F 142 -34.53 0.99 -10.83
N ARG F 143 -35.72 1.44 -11.28
CA ARG F 143 -35.98 2.86 -11.50
C ARG F 143 -35.82 3.69 -10.23
N GLU F 144 -36.50 3.28 -9.14
CA GLU F 144 -36.46 3.99 -7.85
C GLU F 144 -35.03 4.08 -7.30
N CYS F 145 -34.28 3.01 -7.48
CA CYS F 145 -32.88 2.97 -7.07
C CYS F 145 -32.04 3.95 -7.89
N LEU F 146 -32.14 3.82 -9.21
CA LEU F 146 -31.44 4.72 -10.11
C LEU F 146 -31.80 6.20 -9.85
N ASP F 147 -33.08 6.48 -9.64
CA ASP F 147 -33.53 7.84 -9.33
C ASP F 147 -32.79 8.40 -8.11
N ALA F 148 -32.51 7.52 -7.15
CA ALA F 148 -31.83 7.91 -5.93
C ALA F 148 -30.30 8.10 -6.12
N VAL F 149 -29.65 7.24 -6.88
CA VAL F 149 -28.18 7.33 -6.97
C VAL F 149 -27.63 8.11 -8.18
N PHE F 150 -28.32 8.02 -9.31
CA PHE F 150 -27.83 8.60 -10.55
C PHE F 150 -27.46 10.09 -10.48
N PRO F 151 -28.20 10.91 -9.69
CA PRO F 151 -27.87 12.35 -9.63
C PRO F 151 -26.44 12.65 -9.21
N ALA F 152 -25.80 11.71 -8.53
CA ALA F 152 -24.40 11.86 -8.15
C ALA F 152 -23.43 11.23 -9.16
N ILE F 153 -23.96 10.45 -10.11
CA ILE F 153 -23.12 9.68 -11.03
C ILE F 153 -22.38 10.51 -12.11
N PRO F 154 -23.08 11.45 -12.78
CA PRO F 154 -22.30 12.23 -13.75
C PRO F 154 -21.15 13.00 -13.11
N TYR F 155 -21.39 13.66 -11.97
CA TYR F 155 -20.30 14.35 -11.26
C TYR F 155 -19.21 13.37 -10.83
N CYS F 156 -19.62 12.19 -10.37
CA CYS F 156 -18.64 11.14 -10.10
C CYS F 156 -17.79 10.87 -11.32
N ILE F 157 -18.43 10.74 -12.49
CA ILE F 157 -17.72 10.46 -13.72
C ILE F 157 -16.81 11.61 -14.13
N ASP F 158 -17.29 12.84 -13.97
CA ASP F 158 -16.48 14.05 -14.16
C ASP F 158 -15.17 13.99 -13.36
N LEU F 159 -15.26 13.63 -12.08
CA LEU F 159 -14.10 13.58 -11.19
C LEU F 159 -13.12 12.47 -11.61
N MSE F 160 -13.64 11.52 -12.36
CA MSE F 160 -12.91 10.39 -12.90
C MSE F 160 -12.27 10.68 -14.25
O MSE F 160 -11.59 9.81 -14.81
CB MSE F 160 -13.88 9.23 -13.11
CG MSE F 160 -14.76 9.03 -11.95
SE MSE F 160 -13.67 8.21 -10.62
CE MSE F 160 -14.42 6.47 -11.02
N GLU F 161 -12.52 11.88 -14.78
CA GLU F 161 -12.03 12.32 -16.10
C GLU F 161 -12.65 11.49 -17.23
N GLY F 162 -13.88 11.02 -16.98
CA GLY F 162 -14.65 10.29 -17.98
C GLY F 162 -15.49 11.25 -18.80
N PRO F 163 -16.30 10.71 -19.74
CA PRO F 163 -17.14 11.52 -20.63
C PRO F 163 -18.15 12.38 -19.88
N TYR F 164 -18.38 13.59 -20.37
CA TYR F 164 -19.34 14.50 -19.76
C TYR F 164 -20.76 14.07 -20.16
N LEU F 165 -21.40 13.26 -19.30
CA LEU F 165 -22.75 12.79 -19.55
C LEU F 165 -23.72 13.95 -19.38
N GLU F 166 -24.68 14.06 -20.29
CA GLU F 166 -25.71 15.09 -20.17
C GLU F 166 -27.12 14.51 -20.02
N CYS F 167 -27.95 15.20 -19.26
CA CYS F 167 -29.27 14.68 -18.86
C CYS F 167 -30.44 15.61 -19.17
N ASN F 168 -31.59 15.01 -19.46
CA ASN F 168 -32.86 15.73 -19.52
C ASN F 168 -33.32 16.10 -18.10
N GLU F 169 -33.32 17.39 -17.79
CA GLU F 169 -33.61 17.89 -16.44
C GLU F 169 -35.04 17.59 -15.97
N ALA F 170 -35.99 17.65 -16.90
CA ALA F 170 -37.39 17.33 -16.60
C ALA F 170 -37.61 15.85 -16.24
N VAL F 171 -36.52 15.07 -16.26
CA VAL F 171 -36.57 13.66 -15.85
C VAL F 171 -35.60 13.42 -14.69
N ILE F 172 -34.37 13.91 -14.81
CA ILE F 172 -33.37 13.79 -13.76
C ILE F 172 -32.41 14.98 -13.76
N LYS F 173 -32.11 15.53 -12.59
CA LYS F 173 -31.12 16.61 -12.49
C LYS F 173 -29.86 16.19 -11.71
N PRO F 174 -28.76 15.91 -12.45
CA PRO F 174 -27.46 15.62 -11.85
C PRO F 174 -26.89 16.83 -11.13
N PHE F 175 -26.28 16.60 -9.97
CA PHE F 175 -25.62 17.69 -9.26
C PHE F 175 -24.13 17.73 -9.62
N ARG F 176 -23.66 18.88 -10.09
CA ARG F 176 -22.24 19.06 -10.41
C ARG F 176 -21.61 20.21 -9.62
NA NA G . 40.32 5.08 7.91
NA NA H . -25.38 -23.06 8.97
NA NA I . 28.95 2.47 -29.24
#